data_3WRC
#
_entry.id   3WRC
#
_cell.length_a   57.830
_cell.length_b   61.014
_cell.length_c   117.545
_cell.angle_alpha   90.00
_cell.angle_beta   97.84
_cell.angle_gamma   90.00
#
_symmetry.space_group_name_H-M   'P 1 21 1'
#
loop_
_entity.id
_entity.type
_entity.pdbx_description
1 polymer 'Gallate dioxygenase'
2 non-polymer 'FE (II) ION'
3 non-polymer '3,4-DIHYDROXYBENZOIC ACID'
4 water water
#
_entity_poly.entity_id   1
_entity_poly.type   'polypeptide(L)'
_entity_poly.pdbx_seq_one_letter_code
;MAKIIGGFAVSHTPTIAFAHDANKYDDPVWAPIFQGFEPVKQWLAEQKPDVTFYVYNDHMTSFFEHYSHFALGVGEEYSP
ADEGGGQRDLPPIKGDPELAKHIAECLVADEFDLAYWQGMGLDHGAFSPLSVLLPHEHGWPCRIVPLQCGVLQHPIPKAR
RFWNFGRSLRRAIQSYPRDIKVAIAGTGGLSHQVHGERAGFNNTEWDMEFMERLANDPESLLGATVTDLAKKGGWEGAEV
VMWLLMRGALSPEVKTLHQSYFLPSMTAIATMLFEDQGDAAPPAESDEALRARAKRELAGVEEIEGTYPFTIDRAVKGFR
INHFLHRLIEPDFRKRFVEDPEGLFAESDLTEEEKSLIRNRDWIGMIHYGVIFFMLEKMAAVLGIGNIDVYAAFRGLSVP
EFQKTRNAAITYSVAGKQ
;
_entity_poly.pdbx_strand_id   A,B
#
loop_
_chem_comp.id
_chem_comp.type
_chem_comp.name
_chem_comp.formula
DHB non-polymer '3,4-DIHYDROXYBENZOIC ACID' 'C7 H6 O4'
FE2 non-polymer 'FE (II) ION' 'Fe 2'
#
# COMPACT_ATOMS: atom_id res chain seq x y z
N ALA A 2 -12.97 -15.66 18.47
CA ALA A 2 -14.30 -16.28 18.72
C ALA A 2 -15.41 -15.28 18.48
N LYS A 3 -15.75 -14.53 19.52
CA LYS A 3 -16.83 -13.57 19.44
C LYS A 3 -16.39 -12.16 19.81
N ILE A 4 -17.27 -11.22 19.49
CA ILE A 4 -17.02 -9.81 19.68
C ILE A 4 -17.98 -9.22 20.73
N ILE A 5 -17.47 -8.34 21.58
CA ILE A 5 -18.22 -7.80 22.73
C ILE A 5 -18.98 -6.53 22.40
N GLY A 6 -19.01 -6.18 21.11
CA GLY A 6 -19.52 -4.89 20.70
C GLY A 6 -18.33 -4.03 20.34
N GLY A 7 -18.53 -2.73 20.25
CA GLY A 7 -17.45 -1.84 19.86
C GLY A 7 -17.78 -0.38 20.03
N PHE A 8 -16.80 0.41 20.46
CA PHE A 8 -17.04 1.81 20.76
C PHE A 8 -16.68 2.71 19.57
N ALA A 9 -17.34 3.86 19.48
CA ALA A 9 -17.04 4.84 18.44
C ALA A 9 -16.58 6.12 19.11
N VAL A 10 -15.85 6.96 18.40
CA VAL A 10 -15.22 8.11 19.05
C VAL A 10 -14.46 9.00 18.08
N SER A 11 -14.17 10.21 18.53
CA SER A 11 -13.36 11.15 17.78
C SER A 11 -11.88 10.88 18.05
N HIS A 12 -11.04 10.95 17.01
CA HIS A 12 -9.60 10.80 17.21
C HIS A 12 -8.91 12.15 17.23
N THR A 13 -9.68 13.22 17.41
CA THR A 13 -9.11 14.56 17.50
C THR A 13 -7.91 14.56 18.45
N PRO A 14 -6.82 15.21 18.04
CA PRO A 14 -5.58 15.30 18.83
C PRO A 14 -5.69 16.25 20.05
N THR A 15 -6.73 17.07 20.09
CA THR A 15 -6.98 17.90 21.26
C THR A 15 -7.28 17.03 22.50
N ILE A 16 -7.92 15.89 22.26
CA ILE A 16 -8.14 14.91 23.31
C ILE A 16 -6.80 14.52 23.93
N ALA A 17 -5.73 14.64 23.15
CA ALA A 17 -4.38 14.34 23.64
C ALA A 17 -3.76 15.57 24.33
N PHE A 18 -3.65 16.66 23.57
CA PHE A 18 -3.21 17.96 24.07
C PHE A 18 -3.72 18.20 25.51
N ALA A 19 -5.00 17.92 25.73
CA ALA A 19 -5.66 18.30 26.96
C ALA A 19 -5.03 17.67 28.21
N HIS A 20 -4.46 16.49 28.05
CA HIS A 20 -4.07 15.70 29.22
C HIS A 20 -2.70 16.02 29.81
N ASP A 21 -2.16 17.17 29.44
CA ASP A 21 -0.88 17.62 29.97
C ASP A 21 -0.81 19.14 30.21
N ALA A 31 -15.78 19.40 33.08
CA ALA A 31 -15.38 18.54 31.96
C ALA A 31 -16.32 17.35 31.78
N PRO A 32 -17.56 17.60 31.34
CA PRO A 32 -18.36 16.48 30.87
C PRO A 32 -17.92 16.06 29.47
N ILE A 33 -16.61 15.99 29.27
CA ILE A 33 -16.03 15.52 28.02
C ILE A 33 -15.24 14.25 28.30
N PHE A 34 -14.25 14.35 29.18
CA PHE A 34 -13.55 13.17 29.64
C PHE A 34 -14.57 12.29 30.35
N GLN A 35 -15.67 12.94 30.75
CA GLN A 35 -16.81 12.27 31.35
C GLN A 35 -17.66 11.58 30.29
N GLY A 36 -17.56 12.05 29.05
CA GLY A 36 -18.24 11.40 27.94
C GLY A 36 -17.62 10.05 27.65
N PHE A 37 -16.35 9.90 28.06
CA PHE A 37 -15.60 8.68 27.83
C PHE A 37 -15.75 7.63 28.93
N GLU A 38 -16.48 7.98 29.99
CA GLU A 38 -16.64 7.10 31.15
C GLU A 38 -17.28 5.74 30.86
N PRO A 39 -18.51 5.74 30.31
CA PRO A 39 -19.18 4.45 30.14
C PRO A 39 -18.35 3.51 29.28
N VAL A 40 -17.71 4.06 28.25
CA VAL A 40 -16.74 3.30 27.47
C VAL A 40 -15.68 2.79 28.42
N LYS A 41 -14.94 3.74 29.01
CA LYS A 41 -13.80 3.46 29.88
C LYS A 41 -14.05 2.32 30.88
N GLN A 42 -15.27 2.24 31.39
CA GLN A 42 -15.60 1.18 32.34
C GLN A 42 -15.96 -0.10 31.59
N TRP A 43 -16.71 0.06 30.51
CA TRP A 43 -17.15 -1.08 29.72
C TRP A 43 -15.95 -1.88 29.22
N LEU A 44 -14.80 -1.21 29.18
CA LEU A 44 -13.57 -1.82 28.69
C LEU A 44 -13.00 -2.76 29.74
N ALA A 45 -13.19 -2.39 31.00
CA ALA A 45 -12.78 -3.25 32.11
C ALA A 45 -13.82 -4.36 32.33
N GLU A 46 -15.09 -4.00 32.21
CA GLU A 46 -16.19 -4.95 32.37
C GLU A 46 -16.02 -6.18 31.47
N GLN A 47 -16.25 -6.00 30.17
CA GLN A 47 -16.20 -7.10 29.22
C GLN A 47 -14.78 -7.64 29.10
N LYS A 48 -13.81 -6.77 29.37
CA LYS A 48 -12.38 -7.12 29.40
C LYS A 48 -11.91 -7.76 28.09
N PRO A 49 -11.66 -6.92 27.07
CA PRO A 49 -11.45 -7.38 25.70
C PRO A 49 -10.10 -8.06 25.48
N ASP A 50 -10.10 -9.19 24.78
CA ASP A 50 -8.87 -9.87 24.43
C ASP A 50 -8.08 -9.04 23.43
N VAL A 51 -8.79 -8.46 22.47
CA VAL A 51 -8.16 -7.66 21.43
C VAL A 51 -9.08 -6.54 21.01
N THR A 52 -8.52 -5.37 20.74
CA THR A 52 -9.33 -4.32 20.16
C THR A 52 -8.98 -4.09 18.69
N PHE A 53 -9.98 -4.28 17.82
CA PHE A 53 -9.80 -4.00 16.39
C PHE A 53 -10.10 -2.55 16.11
N TYR A 54 -9.04 -1.79 15.86
CA TYR A 54 -9.09 -0.33 15.94
C TYR A 54 -9.01 0.31 14.57
N VAL A 55 -10.12 0.95 14.20
CA VAL A 55 -10.23 1.60 12.92
C VAL A 55 -10.01 3.09 13.09
N TYR A 56 -8.99 3.62 12.43
CA TYR A 56 -8.61 5.03 12.51
C TYR A 56 -8.04 5.44 11.16
N ASN A 57 -7.53 6.66 11.05
CA ASN A 57 -6.70 7.00 9.89
C ASN A 57 -5.44 7.73 10.33
N ASP A 58 -4.30 7.38 9.75
CA ASP A 58 -3.10 8.14 10.01
C ASP A 58 -3.30 9.48 9.30
N HIS A 59 -2.82 10.56 9.88
CA HIS A 59 -2.99 11.83 9.20
C HIS A 59 -1.69 12.33 8.60
N MET A 60 -1.26 11.66 7.53
CA MET A 60 -0.11 12.08 6.76
C MET A 60 1.15 12.10 7.64
N THR A 61 1.27 11.13 8.52
CA THR A 61 2.49 11.00 9.31
C THR A 61 3.30 9.75 8.93
N SER A 62 2.71 8.58 9.13
CA SER A 62 3.36 7.33 8.81
C SER A 62 2.91 6.91 7.41
N PHE A 63 1.74 7.41 7.01
CA PHE A 63 1.19 7.13 5.70
C PHE A 63 1.07 8.41 4.87
N PHE A 64 2.02 8.61 3.96
CA PHE A 64 1.99 9.72 3.06
C PHE A 64 2.41 9.33 1.64
N GLU A 65 3.70 9.07 1.42
CA GLU A 65 4.20 8.79 0.06
C GLU A 65 3.67 7.52 -0.54
N HIS A 66 3.36 6.54 0.31
CA HIS A 66 2.66 5.32 -0.10
C HIS A 66 1.39 5.30 0.71
N TYR A 67 0.26 5.52 0.07
CA TYR A 67 -0.95 5.80 0.81
C TYR A 67 -2.06 4.84 0.41
N SER A 68 -2.39 3.89 1.27
CA SER A 68 -3.37 2.84 0.91
C SER A 68 -4.74 2.95 1.58
N HIS A 69 -5.68 2.16 1.07
CA HIS A 69 -7.08 2.23 1.47
C HIS A 69 -7.37 1.58 2.78
N PHE A 70 -6.89 0.36 2.93
CA PHE A 70 -7.08 -0.42 4.15
C PHE A 70 -5.75 -1.03 4.58
N ALA A 71 -5.05 -0.38 5.49
CA ALA A 71 -3.74 -0.87 5.92
C ALA A 71 -3.80 -1.67 7.24
N LEU A 72 -3.74 -2.98 7.12
CA LEU A 72 -3.86 -3.86 8.29
C LEU A 72 -2.53 -3.99 9.02
N GLY A 73 -2.52 -3.67 10.30
CA GLY A 73 -1.32 -3.78 11.11
C GLY A 73 -1.10 -5.22 11.52
N VAL A 74 0.01 -5.81 11.11
CA VAL A 74 0.25 -7.24 11.34
C VAL A 74 1.29 -7.50 12.40
N GLY A 75 2.00 -6.45 12.81
CA GLY A 75 3.14 -6.57 13.73
C GLY A 75 2.81 -6.84 15.19
N GLU A 76 3.83 -6.83 16.04
CA GLU A 76 3.68 -7.26 17.42
C GLU A 76 3.43 -6.09 18.37
N GLU A 77 3.97 -4.92 18.04
CA GLU A 77 3.77 -3.76 18.91
C GLU A 77 3.80 -2.41 18.20
N TYR A 78 3.32 -1.37 18.91
CA TYR A 78 3.16 -0.04 18.33
C TYR A 78 3.54 1.05 19.31
N SER A 79 4.48 1.90 18.90
CA SER A 79 4.87 3.03 19.71
C SER A 79 4.35 4.29 19.02
N PRO A 80 4.18 5.37 19.79
CA PRO A 80 3.54 6.58 19.28
C PRO A 80 4.41 7.31 18.28
N ALA A 81 3.81 7.68 17.14
CA ALA A 81 4.52 8.35 16.06
C ALA A 81 4.92 9.79 16.41
N ASP A 82 6.14 10.16 16.03
CA ASP A 82 6.59 11.54 16.15
C ASP A 82 5.88 12.39 15.10
N GLU A 83 5.05 13.32 15.54
CA GLU A 83 4.25 14.12 14.61
C GLU A 83 4.88 15.50 14.38
N GLY A 84 6.13 15.61 14.81
CA GLY A 84 6.86 16.85 14.64
C GLY A 84 7.10 17.43 16.01
N GLY A 85 6.31 16.99 16.99
CA GLY A 85 6.40 17.50 18.34
C GLY A 85 7.16 16.52 19.23
N GLY A 86 7.43 15.34 18.70
CA GLY A 86 8.20 14.34 19.44
C GLY A 86 7.38 13.14 19.87
N GLN A 87 8.09 12.05 20.19
CA GLN A 87 7.44 10.86 20.70
C GLN A 87 6.65 11.19 21.96
N ARG A 88 5.36 10.90 21.94
CA ARG A 88 4.48 11.17 23.08
C ARG A 88 4.67 10.10 24.14
N ASP A 89 5.36 10.41 25.24
CA ASP A 89 5.70 9.40 26.26
C ASP A 89 4.56 8.43 26.55
N LEU A 90 4.72 7.22 26.03
CA LEU A 90 3.70 6.19 26.14
C LEU A 90 4.34 4.82 25.88
N PRO A 91 3.98 3.83 26.71
CA PRO A 91 4.41 2.46 26.51
C PRO A 91 3.73 1.88 25.28
N PRO A 92 4.47 1.05 24.53
CA PRO A 92 3.93 0.39 23.34
C PRO A 92 2.72 -0.48 23.65
N ILE A 93 1.84 -0.62 22.66
CA ILE A 93 0.72 -1.51 22.80
C ILE A 93 0.88 -2.69 21.86
N LYS A 94 0.41 -3.84 22.32
CA LYS A 94 0.65 -5.09 21.62
C LYS A 94 -0.38 -5.36 20.52
N GLY A 95 0.09 -6.00 19.44
CA GLY A 95 -0.77 -6.35 18.31
C GLY A 95 -1.17 -7.81 18.35
N ASP A 96 -1.99 -8.24 17.40
CA ASP A 96 -2.37 -9.65 17.32
C ASP A 96 -2.08 -10.24 15.93
N PRO A 97 -0.82 -10.58 15.67
CA PRO A 97 -0.41 -11.09 14.37
C PRO A 97 -1.19 -12.33 13.94
N GLU A 98 -1.46 -13.25 14.87
CA GLU A 98 -2.21 -14.46 14.54
C GLU A 98 -3.59 -14.05 14.07
N LEU A 99 -4.27 -13.25 14.89
CA LEU A 99 -5.59 -12.70 14.53
C LEU A 99 -5.57 -11.92 13.21
N ALA A 100 -4.56 -11.05 13.08
CA ALA A 100 -4.38 -10.25 11.87
C ALA A 100 -4.22 -11.12 10.63
N LYS A 101 -3.45 -12.20 10.76
CA LYS A 101 -3.26 -13.13 9.67
C LYS A 101 -4.62 -13.63 9.21
N HIS A 102 -5.36 -14.22 10.15
CA HIS A 102 -6.67 -14.77 9.86
C HIS A 102 -7.56 -13.70 9.21
N ILE A 103 -7.56 -12.51 9.80
CA ILE A 103 -8.34 -11.41 9.25
C ILE A 103 -7.97 -11.20 7.77
N ALA A 104 -6.67 -11.01 7.51
CA ALA A 104 -6.14 -10.91 6.13
C ALA A 104 -6.64 -12.04 5.23
N GLU A 105 -6.46 -13.27 5.69
CA GLU A 105 -6.82 -14.41 4.90
C GLU A 105 -8.28 -14.35 4.51
N CYS A 106 -9.14 -14.13 5.50
CA CYS A 106 -10.58 -14.17 5.28
C CYS A 106 -11.05 -13.02 4.36
N LEU A 107 -10.54 -11.82 4.58
CA LEU A 107 -10.92 -10.69 3.74
C LEU A 107 -10.47 -10.87 2.29
N VAL A 108 -9.24 -11.34 2.12
CA VAL A 108 -8.70 -11.54 0.77
C VAL A 108 -9.54 -12.55 0.00
N ALA A 109 -9.97 -13.61 0.69
CA ALA A 109 -10.82 -14.59 0.06
C ALA A 109 -12.15 -13.94 -0.32
N ASP A 110 -12.49 -12.87 0.39
CA ASP A 110 -13.70 -12.10 0.13
C ASP A 110 -13.47 -11.05 -0.94
N GLU A 111 -12.28 -11.05 -1.53
CA GLU A 111 -11.93 -10.14 -2.62
C GLU A 111 -11.92 -8.67 -2.17
N PHE A 112 -11.33 -8.43 -1.01
CA PHE A 112 -10.95 -7.09 -0.55
C PHE A 112 -9.45 -6.94 -0.71
N ASP A 113 -9.01 -5.81 -1.25
CA ASP A 113 -7.58 -5.65 -1.51
C ASP A 113 -6.95 -4.86 -0.35
N LEU A 114 -5.87 -5.42 0.21
CA LEU A 114 -5.35 -4.95 1.49
C LEU A 114 -3.94 -4.44 1.35
N ALA A 115 -3.43 -3.87 2.44
CA ALA A 115 -2.01 -3.63 2.59
C ALA A 115 -1.62 -4.13 3.97
N TYR A 116 -0.37 -4.51 4.14
CA TYR A 116 0.09 -4.96 5.44
C TYR A 116 1.23 -4.07 5.92
N TRP A 117 1.31 -3.81 7.22
CA TRP A 117 2.34 -2.91 7.72
C TRP A 117 2.81 -3.26 9.12
N GLN A 118 4.10 -3.07 9.38
CA GLN A 118 4.68 -3.28 10.71
C GLN A 118 5.64 -2.12 11.04
N GLY A 119 5.87 -1.85 12.32
CA GLY A 119 7.03 -1.03 12.74
C GLY A 119 6.87 0.48 12.69
N MET A 120 5.95 0.98 11.89
CA MET A 120 5.74 2.42 11.80
C MET A 120 4.98 2.95 13.01
N GLY A 121 5.26 4.19 13.39
CA GLY A 121 4.56 4.78 14.53
C GLY A 121 3.07 4.95 14.32
N LEU A 122 2.33 5.04 15.42
CA LEU A 122 0.90 5.34 15.42
C LEU A 122 0.71 6.79 15.83
N ASP A 123 -0.02 7.54 15.02
CA ASP A 123 -0.21 8.98 15.28
C ASP A 123 -1.39 9.27 16.22
N HIS A 124 -1.69 10.54 16.43
CA HIS A 124 -2.73 10.92 17.39
C HIS A 124 -4.07 10.24 17.12
N GLY A 125 -4.35 9.94 15.86
CA GLY A 125 -5.62 9.30 15.48
C GLY A 125 -5.80 7.93 16.10
N ALA A 126 -4.72 7.42 16.68
CA ALA A 126 -4.78 6.18 17.43
C ALA A 126 -4.61 6.45 18.92
N PHE A 127 -3.47 7.02 19.30
CA PHE A 127 -3.12 7.15 20.72
C PHE A 127 -3.91 8.17 21.55
N SER A 128 -4.31 9.30 20.96
CA SER A 128 -5.11 10.28 21.71
C SER A 128 -6.20 9.58 22.51
N PRO A 129 -7.19 8.98 21.82
CA PRO A 129 -8.30 8.36 22.51
C PRO A 129 -7.86 7.20 23.43
N LEU A 130 -6.98 6.33 22.92
CA LEU A 130 -6.58 5.18 23.72
C LEU A 130 -6.10 5.57 25.12
N SER A 131 -5.42 6.71 25.22
CA SER A 131 -4.90 7.16 26.49
C SER A 131 -6.01 7.49 27.49
N VAL A 132 -7.09 8.11 27.02
CA VAL A 132 -8.21 8.38 27.90
C VAL A 132 -9.22 7.24 27.85
N LEU A 133 -8.97 6.27 26.99
CA LEU A 133 -9.81 5.08 26.87
C LEU A 133 -9.36 3.93 27.76
N LEU A 134 -8.08 3.62 27.71
CA LEU A 134 -7.51 2.53 28.49
C LEU A 134 -6.31 3.00 29.30
N PRO A 135 -6.13 2.42 30.50
CA PRO A 135 -5.00 2.77 31.35
C PRO A 135 -3.68 2.37 30.69
N HIS A 136 -2.80 3.34 30.49
CA HIS A 136 -1.49 3.05 29.93
C HIS A 136 -0.40 3.02 30.98
N GLU A 137 -0.67 3.61 32.14
CA GLU A 137 0.31 3.70 33.21
C GLU A 137 1.42 2.66 32.99
N HIS A 138 1.14 1.42 33.35
CA HIS A 138 2.01 0.31 33.02
C HIS A 138 1.24 -0.61 32.10
N GLY A 139 1.72 -0.72 30.85
CA GLY A 139 1.12 -1.61 29.88
C GLY A 139 -0.31 -1.29 29.49
N TRP A 140 -0.74 -1.85 28.37
CA TRP A 140 -2.11 -1.69 27.92
C TRP A 140 -2.96 -2.88 28.34
N PRO A 141 -4.27 -2.65 28.53
CA PRO A 141 -5.19 -3.64 29.07
C PRO A 141 -5.61 -4.69 28.05
N CYS A 142 -5.28 -4.47 26.78
CA CYS A 142 -5.57 -5.45 25.75
C CYS A 142 -4.53 -5.49 24.64
N ARG A 143 -4.93 -6.10 23.53
CA ARG A 143 -4.12 -6.13 22.32
C ARG A 143 -4.90 -5.45 21.19
N ILE A 144 -4.16 -5.04 20.16
CA ILE A 144 -4.72 -4.25 19.07
C ILE A 144 -4.49 -4.88 17.71
N VAL A 145 -5.46 -4.66 16.81
CA VAL A 145 -5.31 -4.95 15.40
C VAL A 145 -5.78 -3.70 14.68
N PRO A 146 -4.85 -2.80 14.36
CA PRO A 146 -5.17 -1.53 13.73
C PRO A 146 -5.57 -1.70 12.28
N LEU A 147 -6.53 -0.89 11.83
CA LEU A 147 -6.87 -0.78 10.41
C LEU A 147 -6.78 0.69 10.04
N GLN A 148 -5.80 1.06 9.25
CA GLN A 148 -5.61 2.45 8.91
C GLN A 148 -6.16 2.69 7.54
N CYS A 149 -7.19 3.53 7.47
CA CYS A 149 -7.94 3.73 6.24
C CYS A 149 -7.59 5.05 5.57
N GLY A 150 -7.27 5.01 4.28
CA GLY A 150 -6.86 6.23 3.60
C GLY A 150 -8.06 7.03 3.17
N VAL A 151 -8.58 7.88 4.07
CA VAL A 151 -9.74 8.67 3.72
C VAL A 151 -9.30 10.06 3.24
N LEU A 152 -8.01 10.35 3.35
CA LEU A 152 -7.49 11.67 3.01
C LEU A 152 -7.25 11.89 1.50
N GLN A 153 -6.79 10.88 0.77
CA GLN A 153 -6.45 11.07 -0.63
C GLN A 153 -7.51 10.47 -1.56
N HIS A 154 -8.18 11.32 -2.33
CA HIS A 154 -9.29 10.89 -3.19
C HIS A 154 -8.83 10.50 -4.60
N PRO A 155 -9.42 9.43 -5.15
CA PRO A 155 -10.64 8.80 -4.66
C PRO A 155 -10.42 7.77 -3.53
N ILE A 156 -11.40 7.63 -2.65
CA ILE A 156 -11.35 6.65 -1.57
C ILE A 156 -12.48 5.64 -1.72
N PRO A 157 -12.41 4.51 -1.01
CA PRO A 157 -13.47 3.49 -1.14
C PRO A 157 -14.87 4.05 -0.85
N LYS A 158 -15.87 3.48 -1.52
CA LYS A 158 -17.26 3.90 -1.34
C LYS A 158 -17.74 3.62 0.08
N ALA A 159 -18.74 4.39 0.52
CA ALA A 159 -19.39 4.15 1.81
C ALA A 159 -19.80 2.68 1.92
N ARG A 160 -20.63 2.21 0.98
CA ARG A 160 -21.00 0.80 0.94
C ARG A 160 -19.75 -0.07 1.03
N ARG A 161 -18.68 0.34 0.34
CA ARG A 161 -17.45 -0.42 0.41
C ARG A 161 -16.98 -0.58 1.86
N PHE A 162 -16.84 0.52 2.59
CA PHE A 162 -16.41 0.45 3.98
C PHE A 162 -17.34 -0.48 4.77
N TRP A 163 -18.62 -0.42 4.46
CA TRP A 163 -19.60 -1.26 5.10
C TRP A 163 -19.32 -2.75 4.90
N ASN A 164 -19.10 -3.15 3.66
CA ASN A 164 -18.90 -4.56 3.32
C ASN A 164 -17.63 -5.18 3.89
N PHE A 165 -16.59 -4.36 4.01
CA PHE A 165 -15.33 -4.75 4.65
C PHE A 165 -15.59 -5.05 6.11
N GLY A 166 -16.42 -4.20 6.73
CA GLY A 166 -16.87 -4.41 8.09
C GLY A 166 -17.60 -5.73 8.18
N ARG A 167 -18.54 -5.92 7.26
CA ARG A 167 -19.34 -7.16 7.18
C ARG A 167 -18.48 -8.42 7.08
N SER A 168 -17.41 -8.36 6.29
CA SER A 168 -16.49 -9.49 6.19
C SER A 168 -15.64 -9.56 7.45
N LEU A 169 -15.29 -8.42 8.00
CA LEU A 169 -14.45 -8.42 9.19
C LEU A 169 -15.16 -9.25 10.25
N ARG A 170 -16.44 -8.95 10.45
CA ARG A 170 -17.26 -9.69 11.40
C ARG A 170 -17.10 -11.20 11.24
N ARG A 171 -17.50 -11.70 10.07
CA ARG A 171 -17.49 -13.15 9.85
C ARG A 171 -16.08 -13.70 9.89
N ALA A 172 -15.11 -12.84 9.60
CA ALA A 172 -13.72 -13.23 9.70
C ALA A 172 -13.42 -13.47 11.17
N ILE A 173 -13.50 -12.40 11.96
CA ILE A 173 -13.28 -12.52 13.41
C ILE A 173 -14.11 -13.61 14.07
N GLN A 174 -15.25 -13.96 13.48
CA GLN A 174 -16.09 -15.05 14.01
C GLN A 174 -15.63 -16.46 13.60
N SER A 175 -14.58 -16.51 12.78
CA SER A 175 -14.06 -17.77 12.28
C SER A 175 -12.76 -18.13 12.98
N TYR A 176 -12.19 -17.15 13.67
CA TYR A 176 -10.98 -17.37 14.46
C TYR A 176 -11.22 -18.51 15.43
N PRO A 177 -10.41 -19.56 15.31
CA PRO A 177 -10.48 -20.78 16.12
C PRO A 177 -10.05 -20.54 17.57
N ARG A 178 -10.90 -19.88 18.37
CA ARG A 178 -10.54 -19.53 19.75
C ARG A 178 -11.77 -19.31 20.63
N ASP A 179 -11.53 -19.21 21.93
CA ASP A 179 -12.46 -18.56 22.85
C ASP A 179 -11.89 -17.22 23.30
N ILE A 180 -12.06 -16.19 22.46
CA ILE A 180 -11.68 -14.85 22.88
C ILE A 180 -12.70 -13.83 22.43
N LYS A 181 -12.73 -12.72 23.14
CA LYS A 181 -13.68 -11.68 22.87
C LYS A 181 -12.92 -10.50 22.32
N VAL A 182 -13.51 -9.89 21.30
CA VAL A 182 -12.88 -8.79 20.61
C VAL A 182 -13.75 -7.53 20.65
N ALA A 183 -13.14 -6.41 21.03
CA ALA A 183 -13.76 -5.12 20.90
C ALA A 183 -13.40 -4.51 19.55
N ILE A 184 -14.40 -4.06 18.80
CA ILE A 184 -14.16 -3.44 17.50
C ILE A 184 -14.34 -1.93 17.55
N ALA A 185 -13.23 -1.21 17.69
CA ALA A 185 -13.26 0.26 17.72
C ALA A 185 -13.55 0.82 16.32
N GLY A 186 -13.72 2.14 16.24
CA GLY A 186 -13.84 2.82 14.94
C GLY A 186 -13.95 4.29 15.24
N THR A 187 -13.02 5.09 14.74
CA THR A 187 -12.72 6.35 15.35
C THR A 187 -12.57 7.46 14.33
N GLY A 188 -13.01 8.65 14.68
CA GLY A 188 -12.89 9.76 13.75
C GLY A 188 -13.92 10.85 13.97
N GLY A 189 -13.78 11.93 13.20
CA GLY A 189 -14.72 13.05 13.23
C GLY A 189 -14.94 13.64 14.62
N LEU A 190 -16.18 14.03 14.91
CA LEU A 190 -17.31 13.75 14.03
C LEU A 190 -17.44 14.69 12.82
N SER A 191 -18.00 15.88 13.02
CA SER A 191 -18.15 16.80 11.89
C SER A 191 -17.20 17.98 12.07
N HIS A 192 -16.53 18.36 10.99
CA HIS A 192 -15.57 19.46 11.04
C HIS A 192 -14.86 19.66 9.69
N GLN A 193 -14.28 20.83 9.51
CA GLN A 193 -13.38 21.08 8.40
C GLN A 193 -12.17 21.85 8.90
N VAL A 194 -10.99 21.26 8.74
CA VAL A 194 -9.76 21.81 9.30
C VAL A 194 -8.99 22.67 8.29
N HIS A 195 -9.49 22.76 7.06
CA HIS A 195 -8.79 23.51 6.04
C HIS A 195 -9.68 24.49 5.28
N GLY A 196 -9.08 25.58 4.82
CA GLY A 196 -9.72 26.47 3.85
C GLY A 196 -10.41 27.66 4.46
N GLU A 197 -11.05 28.46 3.61
CA GLU A 197 -11.89 29.57 4.08
C GLU A 197 -13.10 29.00 4.84
N ARG A 198 -13.57 27.81 4.41
CA ARG A 198 -14.67 27.10 5.07
C ARG A 198 -14.18 26.23 6.23
N ALA A 199 -12.94 26.44 6.67
CA ALA A 199 -12.47 25.86 7.93
C ALA A 199 -13.35 26.41 9.06
N GLY A 200 -13.70 25.54 10.01
CA GLY A 200 -14.58 25.95 11.10
C GLY A 200 -16.00 25.44 10.98
N PHE A 201 -16.35 24.86 9.83
CA PHE A 201 -17.72 24.43 9.58
C PHE A 201 -18.21 23.35 10.54
N ASN A 202 -19.50 23.41 10.86
CA ASN A 202 -20.14 22.42 11.71
C ASN A 202 -21.63 22.23 11.44
N ASN A 203 -22.09 20.99 11.59
CA ASN A 203 -23.51 20.67 11.60
C ASN A 203 -23.82 19.64 12.68
N THR A 204 -24.28 20.11 13.84
CA THR A 204 -24.68 19.22 14.91
C THR A 204 -26.00 18.55 14.59
N GLU A 205 -26.90 19.29 13.94
CA GLU A 205 -28.11 18.69 13.40
C GLU A 205 -27.76 17.46 12.54
N TRP A 206 -26.72 17.59 11.71
CA TRP A 206 -26.26 16.43 10.96
C TRP A 206 -25.59 15.41 11.89
N ASP A 207 -24.80 15.90 12.83
CA ASP A 207 -24.16 15.02 13.81
C ASP A 207 -25.15 14.04 14.45
N MET A 208 -26.23 14.58 15.02
CA MET A 208 -27.23 13.75 15.70
C MET A 208 -27.98 12.83 14.75
N GLU A 209 -28.28 13.31 13.56
CA GLU A 209 -28.97 12.50 12.57
C GLU A 209 -28.06 11.33 12.17
N PHE A 210 -26.75 11.53 12.31
CA PHE A 210 -25.76 10.53 11.92
C PHE A 210 -25.56 9.48 13.01
N MET A 211 -25.09 9.92 14.18
CA MET A 211 -24.89 9.03 15.34
C MET A 211 -26.13 8.18 15.60
N GLU A 212 -27.29 8.72 15.21
CA GLU A 212 -28.54 8.01 15.42
C GLU A 212 -28.86 7.08 14.25
N ARG A 213 -28.60 7.53 13.03
CA ARG A 213 -28.85 6.69 11.86
C ARG A 213 -27.88 5.51 11.77
N LEU A 214 -26.70 5.66 12.33
CA LEU A 214 -25.70 4.59 12.34
C LEU A 214 -26.24 3.37 13.10
N ALA A 215 -26.61 3.61 14.35
CA ALA A 215 -27.07 2.58 15.26
C ALA A 215 -28.32 1.85 14.78
N ASN A 216 -29.40 2.60 14.62
CA ASN A 216 -30.70 2.01 14.37
C ASN A 216 -30.90 1.63 12.91
N ASP A 217 -30.39 2.46 12.01
CA ASP A 217 -30.63 2.29 10.60
C ASP A 217 -29.31 2.48 9.85
N PRO A 218 -28.38 1.54 10.05
CA PRO A 218 -27.06 1.65 9.45
C PRO A 218 -27.12 1.61 7.93
N GLU A 219 -27.90 0.68 7.37
CA GLU A 219 -27.90 0.48 5.93
C GLU A 219 -28.27 1.74 5.15
N SER A 220 -29.03 2.63 5.79
CA SER A 220 -29.54 3.85 5.16
C SER A 220 -28.46 4.89 4.91
N LEU A 221 -27.29 4.68 5.47
CA LEU A 221 -26.16 5.58 5.24
C LEU A 221 -25.36 5.14 4.01
N LEU A 222 -25.64 3.93 3.54
CA LEU A 222 -24.81 3.26 2.54
C LEU A 222 -24.97 3.77 1.10
N GLY A 223 -25.59 4.93 0.95
CA GLY A 223 -25.73 5.57 -0.37
C GLY A 223 -25.05 6.93 -0.39
N ALA A 224 -24.73 7.43 0.78
CA ALA A 224 -24.04 8.71 0.92
C ALA A 224 -22.71 8.73 0.16
N THR A 225 -22.44 9.83 -0.52
CA THR A 225 -21.23 10.02 -1.30
C THR A 225 -20.26 10.92 -0.54
N VAL A 226 -19.05 11.07 -1.04
CA VAL A 226 -18.07 12.00 -0.49
C VAL A 226 -18.59 13.44 -0.49
N THR A 227 -19.26 13.83 -1.57
CA THR A 227 -19.82 15.18 -1.66
C THR A 227 -20.84 15.45 -0.54
N ASP A 228 -21.63 14.43 -0.19
CA ASP A 228 -22.65 14.57 0.84
C ASP A 228 -22.00 14.68 2.22
N LEU A 229 -21.06 13.78 2.49
CA LEU A 229 -20.36 13.76 3.77
C LEU A 229 -19.60 15.06 4.03
N ALA A 230 -19.09 15.66 2.96
CA ALA A 230 -18.32 16.90 3.09
C ALA A 230 -19.21 18.13 3.23
N LYS A 231 -20.29 18.17 2.45
CA LYS A 231 -21.21 19.29 2.48
C LYS A 231 -21.82 19.40 3.85
N LYS A 232 -22.10 18.24 4.44
CA LYS A 232 -22.80 18.21 5.72
C LYS A 232 -21.85 18.23 6.91
N GLY A 233 -20.80 17.42 6.86
CA GLY A 233 -19.92 17.27 8.01
C GLY A 233 -18.62 18.04 7.90
N GLY A 234 -18.48 18.82 6.84
CA GLY A 234 -17.18 19.39 6.50
C GLY A 234 -16.31 18.34 5.84
N TRP A 235 -15.24 18.79 5.20
CA TRP A 235 -14.40 17.90 4.39
C TRP A 235 -13.80 16.71 5.16
N GLU A 236 -13.14 17.01 6.27
CA GLU A 236 -12.56 15.97 7.07
C GLU A 236 -13.63 15.16 7.81
N GLY A 237 -14.83 15.73 7.89
CA GLY A 237 -15.94 15.07 8.56
C GLY A 237 -16.34 13.81 7.82
N ALA A 238 -16.12 13.80 6.52
CA ALA A 238 -16.42 12.64 5.70
C ALA A 238 -15.74 11.38 6.23
N GLU A 239 -14.65 11.57 6.98
CA GLU A 239 -13.90 10.43 7.54
C GLU A 239 -14.80 9.50 8.37
N VAL A 240 -16.00 9.98 8.68
CA VAL A 240 -16.95 9.19 9.45
C VAL A 240 -17.33 7.87 8.78
N VAL A 241 -16.89 7.64 7.56
CA VAL A 241 -17.14 6.35 6.96
C VAL A 241 -16.43 5.25 7.75
N MET A 242 -15.40 5.65 8.49
CA MET A 242 -14.74 4.72 9.40
C MET A 242 -15.66 4.22 10.54
N TRP A 243 -16.71 4.96 10.86
CA TRP A 243 -17.73 4.48 11.81
C TRP A 243 -18.60 3.40 11.15
N LEU A 244 -18.98 3.62 9.90
CA LEU A 244 -19.73 2.61 9.15
C LEU A 244 -19.01 1.28 9.16
N LEU A 245 -17.72 1.33 8.90
CA LEU A 245 -16.94 0.11 8.85
C LEU A 245 -17.04 -0.58 10.20
N MET A 246 -16.69 0.16 11.26
CA MET A 246 -16.88 -0.35 12.62
C MET A 246 -18.29 -0.95 12.73
N ARG A 247 -19.29 -0.17 12.33
CA ARG A 247 -20.68 -0.55 12.46
C ARG A 247 -20.98 -1.86 11.72
N GLY A 248 -20.30 -2.08 10.61
CA GLY A 248 -20.53 -3.28 9.82
C GLY A 248 -20.09 -4.53 10.56
N ALA A 249 -19.07 -4.38 11.42
CA ALA A 249 -18.47 -5.51 12.14
C ALA A 249 -19.37 -6.04 13.27
N LEU A 250 -20.47 -5.36 13.55
CA LEU A 250 -21.35 -5.72 14.65
C LEU A 250 -22.64 -6.37 14.17
N SER A 251 -23.46 -6.79 15.13
CA SER A 251 -24.76 -7.39 14.85
C SER A 251 -25.63 -6.49 13.99
N PRO A 252 -26.47 -7.08 13.13
CA PRO A 252 -27.45 -6.32 12.37
C PRO A 252 -28.15 -5.25 13.22
N GLU A 253 -28.30 -5.50 14.51
CA GLU A 253 -28.92 -4.53 15.42
C GLU A 253 -28.17 -4.38 16.73
N LYS A 255 -27.20 -2.39 21.14
CA LYS A 255 -27.79 -1.32 21.92
C LYS A 255 -26.77 -0.29 22.39
N THR A 256 -27.10 0.98 22.18
CA THR A 256 -26.28 2.10 22.65
C THR A 256 -26.20 2.16 24.18
N LEU A 257 -24.98 2.07 24.71
CA LEU A 257 -24.76 2.10 26.14
C LEU A 257 -24.32 3.49 26.60
N HIS A 258 -24.30 4.45 25.68
CA HIS A 258 -23.75 5.76 25.96
C HIS A 258 -23.73 6.61 24.71
N GLN A 259 -23.66 7.93 24.89
CA GLN A 259 -23.47 8.88 23.79
C GLN A 259 -22.69 10.08 24.29
N SER A 260 -22.57 11.10 23.47
CA SER A 260 -21.80 12.27 23.89
C SER A 260 -22.02 13.52 23.05
N TYR A 261 -21.28 14.58 23.40
CA TYR A 261 -21.16 15.76 22.56
C TYR A 261 -20.59 16.96 23.30
N PHE A 262 -19.83 17.74 22.54
CA PHE A 262 -19.51 19.12 22.89
C PHE A 262 -18.58 19.74 21.86
N LEU A 263 -18.64 21.06 21.77
CA LEU A 263 -18.01 21.79 20.70
C LEU A 263 -17.15 22.90 21.28
N PRO A 264 -16.06 22.51 21.96
CA PRO A 264 -15.13 23.47 22.54
C PRO A 264 -14.28 24.10 21.46
N SER A 265 -14.14 23.40 20.33
CA SER A 265 -13.31 23.88 19.22
C SER A 265 -13.89 23.45 17.87
N MET A 266 -13.00 23.16 16.93
CA MET A 266 -13.40 22.85 15.57
C MET A 266 -14.15 21.54 15.46
N THR A 267 -13.82 20.61 16.35
CA THR A 267 -14.22 19.23 16.15
C THR A 267 -15.35 18.81 17.09
N ALA A 268 -16.46 18.36 16.51
CA ALA A 268 -17.53 17.79 17.30
C ALA A 268 -16.96 16.55 17.98
N ILE A 269 -17.14 16.44 19.28
CA ILE A 269 -16.59 15.32 20.02
C ILE A 269 -17.71 14.37 20.48
N ALA A 270 -17.88 13.28 19.73
CA ALA A 270 -18.96 12.32 19.95
C ALA A 270 -18.44 10.96 20.39
N THR A 271 -19.28 10.21 21.11
CA THR A 271 -18.99 8.83 21.49
C THR A 271 -20.22 7.95 21.31
N MET A 272 -20.01 6.65 21.16
CA MET A 272 -21.11 5.69 21.10
C MET A 272 -20.55 4.39 21.65
N LEU A 273 -21.28 3.77 22.57
CA LEU A 273 -20.87 2.49 23.13
C LEU A 273 -21.89 1.42 22.78
N PHE A 274 -21.52 0.51 21.90
CA PHE A 274 -22.46 -0.51 21.46
C PHE A 274 -22.17 -1.87 22.09
N GLU A 275 -23.24 -2.58 22.45
CA GLU A 275 -23.11 -3.96 22.92
C GLU A 275 -23.56 -4.93 21.84
N ASP A 276 -22.74 -5.95 21.61
CA ASP A 276 -23.00 -6.94 20.59
C ASP A 276 -24.20 -7.79 20.97
N GLN A 277 -25.21 -7.81 20.12
CA GLN A 277 -26.44 -8.57 20.39
C GLN A 277 -26.50 -9.85 19.56
N GLY A 278 -25.44 -10.15 18.83
CA GLY A 278 -25.38 -11.37 18.04
C GLY A 278 -26.20 -11.31 16.76
N ASP A 279 -26.05 -12.33 15.92
CA ASP A 279 -26.69 -12.35 14.60
C ASP A 279 -28.12 -12.89 14.65
N PRO A 283 -23.39 -18.02 9.94
CA PRO A 283 -24.48 -17.50 9.12
C PRO A 283 -24.60 -18.30 7.82
N ALA A 284 -24.49 -17.62 6.69
CA ALA A 284 -24.69 -18.24 5.37
C ALA A 284 -23.57 -19.21 4.96
N GLU A 285 -22.46 -19.21 5.70
CA GLU A 285 -21.36 -20.13 5.42
C GLU A 285 -20.74 -20.63 6.73
N SER A 286 -20.82 -21.94 6.95
CA SER A 286 -20.23 -22.55 8.14
C SER A 286 -18.73 -22.27 8.27
N ASP A 287 -18.30 -22.00 9.50
CA ASP A 287 -16.89 -21.72 9.76
C ASP A 287 -16.01 -22.89 9.32
N GLU A 288 -16.60 -24.09 9.24
CA GLU A 288 -15.90 -25.21 8.61
C GLU A 288 -15.64 -24.87 7.14
N ALA A 289 -16.61 -24.20 6.52
CA ALA A 289 -16.49 -23.79 5.13
C ALA A 289 -15.67 -22.52 4.99
N LEU A 290 -15.80 -21.61 5.96
CA LEU A 290 -15.09 -20.32 5.91
C LEU A 290 -13.60 -20.41 6.27
N ARG A 291 -13.25 -21.25 7.24
CA ARG A 291 -11.85 -21.43 7.61
C ARG A 291 -11.12 -22.16 6.48
N ALA A 292 -11.84 -23.07 5.85
CA ALA A 292 -11.28 -23.88 4.78
C ALA A 292 -11.12 -23.05 3.51
N ARG A 293 -12.12 -22.19 3.25
CA ARG A 293 -12.13 -21.35 2.07
C ARG A 293 -10.99 -20.33 2.13
N ALA A 294 -10.79 -19.75 3.30
CA ALA A 294 -9.64 -18.90 3.56
C ALA A 294 -8.32 -19.63 3.32
N LYS A 295 -8.22 -20.84 3.85
CA LYS A 295 -7.00 -21.64 3.74
C LYS A 295 -6.74 -22.18 2.33
N ARG A 296 -7.74 -22.05 1.45
CA ARG A 296 -7.72 -22.71 0.15
C ARG A 296 -6.53 -22.34 -0.76
N GLU A 297 -6.22 -21.05 -0.87
CA GLU A 297 -5.12 -20.63 -1.73
C GLU A 297 -3.78 -21.30 -1.41
N LEU A 298 -3.51 -21.53 -0.13
CA LEU A 298 -2.21 -22.04 0.27
C LEU A 298 -2.29 -23.48 0.79
N ALA A 299 -3.46 -24.10 0.63
CA ALA A 299 -3.63 -25.47 1.10
C ALA A 299 -2.85 -26.45 0.24
N GLY A 300 -2.18 -27.39 0.89
CA GLY A 300 -1.33 -28.35 0.19
C GLY A 300 0.12 -27.92 0.10
N VAL A 301 0.36 -26.63 0.33
CA VAL A 301 1.65 -26.01 0.04
C VAL A 301 2.77 -26.52 0.92
N GLU A 302 2.45 -27.16 2.03
CA GLU A 302 3.47 -27.74 2.90
C GLU A 302 4.13 -28.95 2.25
N GLU A 303 3.53 -29.43 1.15
CA GLU A 303 3.99 -30.62 0.45
C GLU A 303 5.00 -30.29 -0.62
N ILE A 304 5.30 -29.00 -0.74
CA ILE A 304 6.30 -28.54 -1.67
C ILE A 304 7.58 -28.37 -0.88
N GLU A 305 8.58 -29.19 -1.18
CA GLU A 305 9.79 -29.26 -0.35
C GLU A 305 10.66 -28.03 -0.59
N GLY A 306 11.51 -27.72 0.37
CA GLY A 306 12.55 -26.74 0.17
C GLY A 306 11.97 -25.37 -0.08
N THR A 307 10.74 -25.17 0.41
CA THR A 307 10.02 -23.94 0.12
C THR A 307 9.43 -23.35 1.40
N TYR A 308 9.73 -22.07 1.64
CA TYR A 308 9.33 -21.38 2.86
C TYR A 308 8.49 -20.18 2.47
N PRO A 309 7.17 -20.38 2.38
CA PRO A 309 6.31 -19.32 1.93
C PRO A 309 6.40 -18.12 2.85
N PHE A 310 6.25 -16.93 2.27
CA PHE A 310 6.34 -15.74 3.06
C PHE A 310 4.92 -15.28 3.36
N THR A 311 4.34 -15.90 4.38
CA THR A 311 3.05 -15.51 4.89
C THR A 311 3.32 -14.54 6.02
N ILE A 312 2.25 -13.95 6.55
CA ILE A 312 2.37 -12.90 7.53
C ILE A 312 3.08 -13.38 8.79
N ASP A 313 2.77 -14.59 9.23
CA ASP A 313 3.44 -15.10 10.43
C ASP A 313 4.94 -15.05 10.21
N ARG A 314 5.37 -15.39 8.99
CA ARG A 314 6.76 -15.31 8.61
C ARG A 314 7.25 -13.87 8.50
N ALA A 315 6.43 -13.00 7.93
CA ALA A 315 6.80 -11.60 7.82
C ALA A 315 7.06 -11.02 9.20
N VAL A 316 6.28 -11.46 10.19
CA VAL A 316 6.40 -10.96 11.55
C VAL A 316 7.62 -11.54 12.27
N LYS A 317 7.82 -12.86 12.12
CA LYS A 317 8.92 -13.50 12.80
C LYS A 317 10.22 -12.89 12.33
N GLY A 318 10.34 -12.66 11.02
CA GLY A 318 11.58 -12.14 10.42
C GLY A 318 11.61 -10.63 10.23
N PHE A 319 10.72 -9.94 10.93
CA PHE A 319 10.59 -8.52 10.65
C PHE A 319 11.83 -7.68 10.97
N ARG A 320 12.46 -7.93 12.11
CA ARG A 320 13.57 -7.12 12.57
C ARG A 320 14.77 -7.24 11.62
N ILE A 321 15.03 -8.46 11.16
CA ILE A 321 16.20 -8.70 10.35
C ILE A 321 15.94 -8.35 8.87
N ASN A 322 14.75 -8.64 8.37
CA ASN A 322 14.32 -8.07 7.08
C ASN A 322 14.50 -6.55 7.08
N HIS A 323 13.87 -5.88 8.04
CA HIS A 323 14.02 -4.42 8.18
C HIS A 323 15.48 -3.96 8.17
N PHE A 324 16.34 -4.64 8.93
CA PHE A 324 17.76 -4.33 8.98
C PHE A 324 18.46 -4.43 7.61
N LEU A 325 18.48 -5.61 7.03
CA LEU A 325 19.10 -5.80 5.72
C LEU A 325 18.46 -4.88 4.67
N HIS A 326 17.17 -4.57 4.84
CA HIS A 326 16.49 -3.62 3.95
C HIS A 326 17.32 -2.34 3.85
N ARG A 327 17.79 -1.87 5.00
CA ARG A 327 18.57 -0.62 5.06
C ARG A 327 19.79 -0.65 4.15
N LEU A 328 20.17 -1.83 3.68
CA LEU A 328 21.30 -1.91 2.77
C LEU A 328 21.10 -1.08 1.48
N ILE A 329 19.88 -0.59 1.25
CA ILE A 329 19.63 0.24 0.07
C ILE A 329 20.15 1.65 0.29
N GLU A 330 20.15 2.13 1.53
CA GLU A 330 20.85 3.37 1.88
C GLU A 330 22.37 3.23 1.85
N PRO A 331 23.06 4.04 1.02
CA PRO A 331 24.51 4.11 0.80
C PRO A 331 25.37 4.14 2.07
N ASP A 332 24.95 4.93 3.06
CA ASP A 332 25.72 5.12 4.29
C ASP A 332 25.62 3.89 5.17
N PHE A 333 24.43 3.31 5.23
CA PHE A 333 24.17 2.16 6.07
C PHE A 333 25.01 1.01 5.60
N ARG A 334 25.05 0.83 4.28
CA ARG A 334 25.81 -0.29 3.72
C ARG A 334 27.31 0.00 3.74
N LYS A 335 27.69 1.26 3.90
CA LYS A 335 29.09 1.57 4.12
C LYS A 335 29.48 0.97 5.48
N ARG A 336 28.66 1.31 6.48
CA ARG A 336 28.86 0.85 7.85
C ARG A 336 28.87 -0.68 7.92
N PHE A 337 27.93 -1.27 7.18
CA PHE A 337 27.74 -2.71 7.18
C PHE A 337 29.02 -3.41 6.77
N VAL A 338 29.70 -2.84 5.77
CA VAL A 338 30.91 -3.45 5.25
C VAL A 338 32.10 -3.18 6.18
N GLU A 339 32.31 -1.90 6.47
CA GLU A 339 33.49 -1.49 7.21
C GLU A 339 33.41 -1.70 8.72
N ASP A 340 32.21 -1.64 9.28
CA ASP A 340 32.04 -1.66 10.74
C ASP A 340 30.76 -2.36 11.19
N PRO A 341 30.60 -3.64 10.81
CA PRO A 341 29.36 -4.35 11.09
C PRO A 341 29.03 -4.42 12.59
N GLU A 342 30.03 -4.70 13.44
CA GLU A 342 29.81 -4.81 14.88
C GLU A 342 29.16 -3.58 15.51
N GLY A 343 29.62 -2.40 15.14
CA GLY A 343 28.97 -1.19 15.61
C GLY A 343 27.49 -1.23 15.24
N LEU A 344 27.21 -1.66 14.02
CA LEU A 344 25.84 -1.64 13.52
C LEU A 344 24.94 -2.58 14.31
N PHE A 345 25.44 -3.78 14.56
CA PHE A 345 24.73 -4.76 15.38
C PHE A 345 24.41 -4.20 16.77
N ALA A 346 25.37 -3.51 17.37
CA ALA A 346 25.18 -2.99 18.72
C ALA A 346 24.05 -1.96 18.79
N GLU A 347 23.95 -1.14 17.75
CA GLU A 347 22.91 -0.13 17.70
C GLU A 347 21.54 -0.71 17.34
N SER A 348 21.54 -1.94 16.82
CA SER A 348 20.31 -2.55 16.34
C SER A 348 19.43 -3.11 17.44
N ASP A 349 18.27 -3.63 17.04
CA ASP A 349 17.38 -4.35 17.94
C ASP A 349 17.40 -5.83 17.59
N LEU A 350 18.45 -6.26 16.88
CA LEU A 350 18.56 -7.66 16.46
C LEU A 350 18.82 -8.58 17.66
N THR A 351 18.32 -9.80 17.59
CA THR A 351 18.73 -10.82 18.55
C THR A 351 20.13 -11.31 18.14
N GLU A 352 20.91 -11.76 19.11
CA GLU A 352 22.26 -12.25 18.87
C GLU A 352 22.20 -13.45 17.92
N GLU A 353 21.12 -14.19 17.98
CA GLU A 353 20.84 -15.21 16.99
C GLU A 353 20.85 -14.60 15.59
N GLU A 354 20.12 -13.49 15.44
CA GLU A 354 19.98 -12.82 14.15
C GLU A 354 21.31 -12.25 13.70
N LYS A 355 22.02 -11.63 14.63
CA LYS A 355 23.32 -11.07 14.31
C LYS A 355 24.21 -12.21 13.80
N SER A 356 24.11 -13.35 14.47
CA SER A 356 24.89 -14.52 14.11
C SER A 356 24.60 -15.02 12.68
N LEU A 357 23.33 -15.26 12.38
CA LEU A 357 22.97 -15.60 11.02
C LEU A 357 23.68 -14.66 10.04
N ILE A 358 23.62 -13.34 10.28
CA ILE A 358 24.18 -12.37 9.35
C ILE A 358 25.70 -12.46 9.33
N ARG A 359 26.29 -12.56 10.52
CA ARG A 359 27.73 -12.71 10.67
C ARG A 359 28.22 -13.96 9.97
N ASN A 360 27.40 -15.00 10.04
CA ASN A 360 27.78 -16.28 9.51
C ASN A 360 27.56 -16.33 8.01
N ARG A 361 26.92 -15.30 7.47
CA ARG A 361 26.54 -15.30 6.06
C ARG A 361 25.86 -16.61 5.77
N ASP A 362 24.97 -16.99 6.67
CA ASP A 362 24.29 -18.26 6.55
C ASP A 362 22.99 -18.07 5.79
N TRP A 363 23.11 -18.22 4.48
CA TRP A 363 22.03 -18.02 3.55
C TRP A 363 20.85 -18.93 3.83
N ILE A 364 21.06 -20.25 3.80
CA ILE A 364 19.94 -21.15 4.03
C ILE A 364 19.30 -20.88 5.40
N GLY A 365 20.14 -20.62 6.40
CA GLY A 365 19.63 -20.39 7.76
C GLY A 365 18.68 -19.19 7.82
N MET A 366 19.04 -18.12 7.13
CA MET A 366 18.20 -16.93 7.15
C MET A 366 16.89 -17.20 6.43
N ILE A 367 16.93 -18.02 5.39
CA ILE A 367 15.71 -18.35 4.68
C ILE A 367 14.78 -19.15 5.58
N HIS A 368 15.38 -20.07 6.35
CA HIS A 368 14.64 -20.90 7.30
C HIS A 368 14.07 -20.04 8.40
N TYR A 369 14.86 -19.06 8.85
CA TYR A 369 14.45 -18.22 9.93
C TYR A 369 13.42 -17.18 9.52
N GLY A 370 13.28 -16.89 8.23
CA GLY A 370 12.23 -15.93 7.79
C GLY A 370 12.69 -14.71 7.01
N VAL A 371 14.00 -14.58 6.85
CA VAL A 371 14.54 -13.60 5.92
C VAL A 371 13.97 -13.92 4.52
N ILE A 372 13.50 -12.89 3.82
CA ILE A 372 12.96 -13.08 2.50
C ILE A 372 14.15 -12.97 1.56
N PHE A 373 14.11 -13.66 0.43
CA PHE A 373 15.30 -13.81 -0.36
C PHE A 373 15.85 -12.46 -0.82
N PHE A 374 14.96 -11.61 -1.31
CA PHE A 374 15.32 -10.31 -1.81
C PHE A 374 16.12 -9.44 -0.84
N MET A 375 15.93 -9.59 0.46
CA MET A 375 16.86 -8.96 1.39
C MET A 375 18.25 -9.60 1.25
N LEU A 376 18.32 -10.94 1.19
CA LEU A 376 19.58 -11.62 1.00
C LEU A 376 20.30 -11.15 -0.27
N GLU A 377 19.53 -11.03 -1.35
CA GLU A 377 20.01 -10.44 -2.60
C GLU A 377 20.71 -9.09 -2.35
N LYS A 378 20.09 -8.23 -1.55
CA LYS A 378 20.74 -6.97 -1.19
C LYS A 378 22.08 -7.19 -0.48
N MET A 379 22.06 -8.02 0.56
CA MET A 379 23.26 -8.32 1.35
C MET A 379 24.35 -8.86 0.45
N ALA A 380 24.06 -9.96 -0.25
CA ALA A 380 25.01 -10.55 -1.20
C ALA A 380 25.70 -9.49 -2.06
N ALA A 381 24.92 -8.62 -2.69
CA ALA A 381 25.46 -7.67 -3.61
C ALA A 381 26.40 -6.72 -2.83
N VAL A 382 25.93 -6.29 -1.67
CA VAL A 382 26.68 -5.37 -0.89
C VAL A 382 28.05 -5.94 -0.51
N LEU A 383 28.11 -7.25 -0.27
CA LEU A 383 29.37 -7.88 0.07
C LEU A 383 30.18 -8.29 -1.18
N GLY A 384 29.71 -7.87 -2.35
CA GLY A 384 30.40 -8.18 -3.58
C GLY A 384 30.34 -9.65 -3.94
N ILE A 385 29.24 -10.31 -3.57
CA ILE A 385 29.03 -11.70 -3.94
C ILE A 385 27.71 -11.92 -4.70
N GLY A 386 27.72 -12.82 -5.65
CA GLY A 386 26.56 -13.03 -6.50
C GLY A 386 25.42 -13.87 -5.95
N ASN A 387 24.23 -13.64 -6.53
CA ASN A 387 23.06 -14.45 -6.29
C ASN A 387 23.38 -15.91 -6.44
N ILE A 388 24.30 -16.22 -7.35
CA ILE A 388 24.65 -17.60 -7.67
C ILE A 388 25.28 -18.28 -6.47
N ASP A 389 26.10 -17.53 -5.74
CA ASP A 389 26.76 -18.04 -4.54
C ASP A 389 25.69 -18.31 -3.53
N VAL A 390 24.66 -17.47 -3.52
CA VAL A 390 23.53 -17.64 -2.59
C VAL A 390 22.73 -18.89 -2.97
N TYR A 391 22.42 -19.05 -4.26
CA TYR A 391 21.60 -20.19 -4.70
C TYR A 391 22.36 -21.48 -4.43
N ALA A 392 23.63 -21.49 -4.86
CA ALA A 392 24.53 -22.62 -4.61
C ALA A 392 24.51 -22.99 -3.15
N ALA A 393 24.55 -21.99 -2.29
CA ALA A 393 24.60 -22.28 -0.85
C ALA A 393 23.29 -22.91 -0.40
N PHE A 394 22.17 -22.37 -0.89
CA PHE A 394 20.88 -22.97 -0.64
C PHE A 394 20.85 -24.47 -0.96
N ARG A 395 21.54 -24.87 -2.02
CA ARG A 395 21.42 -26.23 -2.50
C ARG A 395 22.55 -27.06 -1.90
N GLY A 396 23.28 -26.49 -0.94
CA GLY A 396 24.41 -27.20 -0.34
C GLY A 396 25.41 -27.62 -1.39
N LEU A 397 25.57 -26.82 -2.44
CA LEU A 397 26.53 -27.13 -3.51
C LEU A 397 27.62 -26.06 -3.64
N SER A 398 28.75 -26.43 -4.22
CA SER A 398 29.71 -25.42 -4.62
C SER A 398 29.17 -24.68 -5.86
N VAL A 399 29.77 -23.55 -6.17
CA VAL A 399 29.25 -22.81 -7.27
C VAL A 399 29.30 -23.57 -8.62
N PRO A 400 30.46 -24.16 -8.97
CA PRO A 400 30.50 -24.92 -10.22
C PRO A 400 29.51 -26.09 -10.23
N GLU A 401 29.33 -26.72 -9.09
CA GLU A 401 28.40 -27.83 -9.01
C GLU A 401 26.98 -27.32 -9.13
N PHE A 402 26.68 -26.14 -8.61
CA PHE A 402 25.35 -25.60 -8.87
C PHE A 402 25.13 -25.24 -10.35
N GLN A 403 26.17 -24.71 -10.98
CA GLN A 403 26.11 -24.29 -12.39
C GLN A 403 25.95 -25.49 -13.33
N LYS A 404 26.32 -26.67 -12.86
CA LYS A 404 26.09 -27.83 -13.70
C LYS A 404 24.59 -27.99 -13.97
N THR A 405 23.75 -27.56 -13.05
CA THR A 405 22.31 -27.73 -13.18
C THR A 405 21.67 -26.65 -14.06
N ARG A 406 22.45 -25.60 -14.36
CA ARG A 406 21.98 -24.51 -15.23
C ARG A 406 22.28 -24.81 -16.70
N ASN A 407 21.51 -24.26 -17.62
CA ASN A 407 21.77 -24.52 -19.02
C ASN A 407 23.00 -23.75 -19.47
N ALA A 408 23.24 -22.62 -18.84
CA ALA A 408 24.37 -21.78 -19.18
C ALA A 408 24.87 -21.10 -17.93
N ALA A 409 26.15 -21.15 -17.68
CA ALA A 409 26.63 -20.60 -16.44
C ALA A 409 26.84 -19.10 -16.58
N ILE A 410 26.34 -18.32 -15.64
CA ILE A 410 26.59 -16.89 -15.68
C ILE A 410 26.63 -16.32 -14.27
N THR A 411 27.32 -15.20 -14.06
CA THR A 411 27.35 -14.56 -12.73
C THR A 411 26.86 -13.12 -12.79
N TYR A 412 26.51 -12.56 -11.62
CA TYR A 412 25.80 -11.27 -11.54
C TYR A 412 25.28 -10.95 -10.13
N SER A 413 25.04 -9.67 -9.82
CA SER A 413 24.75 -9.28 -8.44
C SER A 413 23.52 -8.38 -8.25
N ALA B 2 -7.05 6.24 -24.65
CA ALA B 2 -8.36 5.56 -24.85
C ALA B 2 -8.34 4.47 -25.91
N LYS B 3 -7.23 4.33 -26.62
CA LYS B 3 -7.04 3.20 -27.50
C LYS B 3 -6.07 2.22 -26.87
N ILE B 4 -6.53 1.02 -26.57
CA ILE B 4 -5.64 -0.06 -26.15
C ILE B 4 -5.16 -0.82 -27.39
N ILE B 5 -3.87 -0.72 -27.67
CA ILE B 5 -3.30 -1.28 -28.90
C ILE B 5 -2.86 -2.71 -28.74
N GLY B 6 -2.61 -3.09 -27.48
CA GLY B 6 -2.25 -4.46 -27.14
C GLY B 6 -1.46 -4.47 -25.85
N GLY B 7 -0.88 -5.61 -25.53
CA GLY B 7 -0.07 -5.76 -24.33
C GLY B 7 1.13 -6.62 -24.65
N PHE B 8 2.16 -6.56 -23.81
CA PHE B 8 3.27 -7.48 -23.92
C PHE B 8 3.57 -8.01 -22.53
N ALA B 9 4.21 -9.17 -22.49
CA ALA B 9 4.55 -9.87 -21.27
C ALA B 9 6.03 -10.19 -21.36
N VAL B 10 6.77 -9.95 -20.29
CA VAL B 10 8.20 -10.16 -20.32
C VAL B 10 8.66 -10.51 -18.93
N SER B 11 9.63 -11.41 -18.83
CA SER B 11 10.29 -11.65 -17.56
C SER B 11 10.90 -10.34 -17.07
N HIS B 12 11.11 -10.22 -15.76
CA HIS B 12 11.72 -9.02 -15.18
C HIS B 12 12.90 -9.34 -14.24
N THR B 13 13.38 -10.57 -14.27
CA THR B 13 14.63 -10.90 -13.61
C THR B 13 15.73 -9.88 -13.78
N PRO B 14 16.42 -9.56 -12.68
CA PRO B 14 17.50 -8.56 -12.72
C PRO B 14 18.58 -8.97 -13.70
N THR B 15 18.66 -10.24 -14.07
CA THR B 15 19.72 -10.63 -15.03
C THR B 15 19.59 -9.96 -16.42
N ILE B 16 18.36 -9.60 -16.83
CA ILE B 16 18.21 -8.92 -18.12
C ILE B 16 18.95 -7.58 -18.02
N ALA B 17 18.64 -6.81 -16.98
CA ALA B 17 19.31 -5.53 -16.75
C ALA B 17 20.83 -5.62 -16.76
N PHE B 18 21.35 -6.63 -16.08
CA PHE B 18 22.78 -6.68 -15.88
C PHE B 18 23.45 -7.12 -17.18
N ALA B 19 22.76 -7.91 -17.99
CA ALA B 19 23.28 -8.25 -19.33
C ALA B 19 23.22 -7.03 -20.27
N HIS B 20 22.31 -6.10 -19.98
CA HIS B 20 22.18 -4.92 -20.79
C HIS B 20 23.30 -3.97 -20.39
N ASP B 21 23.42 -3.73 -19.09
CA ASP B 21 24.38 -2.78 -18.59
C ASP B 21 25.83 -3.21 -18.86
N ALA B 22 26.04 -4.50 -19.09
CA ALA B 22 27.38 -4.99 -19.36
C ALA B 22 27.62 -5.14 -20.86
N ASN B 23 26.62 -4.74 -21.66
CA ASN B 23 26.71 -4.82 -23.12
C ASN B 23 27.05 -6.22 -23.59
N LYS B 24 26.26 -7.18 -23.10
CA LYS B 24 26.41 -8.58 -23.48
C LYS B 24 25.55 -8.90 -24.69
N TYR B 25 25.10 -7.86 -25.38
CA TYR B 25 24.32 -8.02 -26.61
C TYR B 25 25.05 -8.93 -27.62
N ASP B 26 26.37 -8.90 -27.58
CA ASP B 26 27.19 -9.75 -28.46
C ASP B 26 27.44 -11.15 -27.88
N ASP B 27 27.21 -11.28 -26.58
CA ASP B 27 27.63 -12.47 -25.85
C ASP B 27 26.97 -13.74 -26.37
N PRO B 28 27.77 -14.78 -26.58
CA PRO B 28 27.28 -16.05 -27.07
C PRO B 28 26.03 -16.49 -26.32
N VAL B 29 26.02 -16.26 -25.00
CA VAL B 29 24.87 -16.62 -24.18
C VAL B 29 23.69 -15.65 -24.35
N TRP B 30 23.96 -14.36 -24.21
CA TRP B 30 22.89 -13.38 -24.22
C TRP B 30 22.39 -12.88 -25.58
N ALA B 31 23.17 -13.08 -26.63
CA ALA B 31 22.80 -12.49 -27.92
C ALA B 31 21.39 -12.89 -28.35
N PRO B 32 21.11 -14.21 -28.40
CA PRO B 32 19.79 -14.77 -28.77
C PRO B 32 18.62 -14.42 -27.82
N ILE B 33 18.90 -14.11 -26.56
CA ILE B 33 17.88 -13.67 -25.60
C ILE B 33 17.34 -12.32 -26.06
N PHE B 34 18.27 -11.40 -26.21
CA PHE B 34 18.02 -10.06 -26.70
C PHE B 34 17.29 -10.11 -28.04
N GLN B 35 17.70 -11.02 -28.90
CA GLN B 35 17.02 -11.14 -30.17
C GLN B 35 15.54 -11.49 -29.94
N GLY B 36 15.27 -12.26 -28.89
CA GLY B 36 13.90 -12.48 -28.47
C GLY B 36 13.18 -11.21 -28.05
N PHE B 37 13.90 -10.19 -27.57
CA PHE B 37 13.23 -8.95 -27.18
C PHE B 37 12.89 -8.12 -28.42
N GLU B 38 13.56 -8.42 -29.52
CA GLU B 38 13.56 -7.54 -30.66
C GLU B 38 12.16 -7.23 -31.23
N PRO B 39 11.29 -8.25 -31.41
CA PRO B 39 9.96 -7.91 -31.97
C PRO B 39 9.09 -7.08 -31.01
N VAL B 40 9.25 -7.25 -29.72
CA VAL B 40 8.53 -6.37 -28.82
C VAL B 40 9.08 -4.94 -28.90
N LYS B 41 10.39 -4.83 -28.90
CA LYS B 41 11.06 -3.57 -29.00
C LYS B 41 10.56 -2.84 -30.25
N GLN B 42 10.56 -3.53 -31.39
CA GLN B 42 10.16 -2.92 -32.67
C GLN B 42 8.67 -2.48 -32.71
N TRP B 43 7.79 -3.37 -32.28
CA TRP B 43 6.36 -3.08 -32.21
C TRP B 43 6.12 -1.81 -31.43
N LEU B 44 6.80 -1.69 -30.31
CA LEU B 44 6.64 -0.55 -29.44
C LEU B 44 7.14 0.67 -30.17
N ALA B 45 8.22 0.49 -30.93
CA ALA B 45 8.76 1.61 -31.67
C ALA B 45 7.85 2.00 -32.87
N GLU B 46 7.16 1.02 -33.46
CA GLU B 46 6.28 1.28 -34.61
C GLU B 46 4.93 1.87 -34.13
N GLN B 47 4.45 1.35 -32.99
CA GLN B 47 3.07 1.63 -32.58
C GLN B 47 3.02 2.96 -31.86
N LYS B 48 4.08 3.25 -31.12
CA LYS B 48 4.31 4.55 -30.51
C LYS B 48 3.27 4.93 -29.46
N PRO B 49 3.06 4.03 -28.50
CA PRO B 49 2.09 4.26 -27.42
C PRO B 49 2.42 5.53 -26.68
N ASP B 50 1.40 6.31 -26.32
CA ASP B 50 1.65 7.52 -25.54
C ASP B 50 1.99 7.09 -24.10
N VAL B 51 1.33 6.02 -23.66
CA VAL B 51 1.49 5.54 -22.31
C VAL B 51 1.57 4.02 -22.24
N THR B 52 2.45 3.49 -21.40
CA THR B 52 2.44 2.06 -21.10
C THR B 52 1.94 1.90 -19.68
N PHE B 53 0.85 1.17 -19.51
CA PHE B 53 0.38 0.83 -18.19
C PHE B 53 1.12 -0.44 -17.78
N TYR B 54 1.96 -0.30 -16.78
CA TYR B 54 3.02 -1.22 -16.52
C TYR B 54 2.87 -1.94 -15.18
N VAL B 55 2.53 -3.25 -15.25
CA VAL B 55 2.21 -4.05 -14.08
C VAL B 55 3.46 -4.82 -13.68
N TYR B 56 3.92 -4.60 -12.45
CA TYR B 56 5.09 -5.29 -11.97
C TYR B 56 4.95 -5.53 -10.47
N ASN B 57 5.94 -6.21 -9.89
CA ASN B 57 6.03 -6.23 -8.45
C ASN B 57 7.39 -5.75 -8.06
N ASP B 58 7.44 -5.05 -6.93
CA ASP B 58 8.68 -4.55 -6.35
C ASP B 58 9.32 -5.66 -5.49
N HIS B 59 10.64 -5.75 -5.41
CA HIS B 59 11.26 -6.86 -4.63
C HIS B 59 11.86 -6.48 -3.27
N MET B 60 10.97 -6.17 -2.33
CA MET B 60 11.26 -5.65 -1.02
C MET B 60 12.25 -4.49 -1.11
N THR B 61 12.00 -3.56 -2.01
CA THR B 61 12.89 -2.40 -2.13
C THR B 61 12.18 -1.11 -1.76
N SER B 62 11.25 -0.69 -2.61
CA SER B 62 10.41 0.47 -2.30
C SER B 62 9.15 0.12 -1.53
N PHE B 63 8.79 -1.17 -1.51
CA PHE B 63 7.66 -1.67 -0.75
C PHE B 63 8.11 -2.78 0.20
N PHE B 64 8.16 -2.46 1.50
CA PHE B 64 8.48 -3.43 2.51
C PHE B 64 7.68 -3.27 3.82
N GLU B 65 8.04 -2.29 4.66
CA GLU B 65 7.33 -2.08 5.95
C GLU B 65 5.84 -1.76 5.75
N HIS B 66 5.48 -1.27 4.58
CA HIS B 66 4.09 -1.01 4.25
C HIS B 66 3.89 -1.58 2.87
N TYR B 67 3.10 -2.64 2.79
CA TYR B 67 3.11 -3.46 1.62
C TYR B 67 1.68 -3.65 1.11
N SER B 68 1.38 -3.16 -0.08
CA SER B 68 0.00 -3.23 -0.59
C SER B 68 -0.20 -4.07 -1.85
N HIS B 69 -1.46 -4.47 -2.06
CA HIS B 69 -1.77 -5.37 -3.14
C HIS B 69 -1.68 -4.71 -4.49
N PHE B 70 -2.43 -3.64 -4.70
CA PHE B 70 -2.43 -2.92 -5.98
C PHE B 70 -2.10 -1.46 -5.73
N ALA B 71 -0.83 -1.11 -5.87
CA ALA B 71 -0.34 0.23 -5.58
C ALA B 71 -0.12 1.01 -6.87
N LEU B 72 -1.02 1.96 -7.16
CA LEU B 72 -0.98 2.69 -8.42
C LEU B 72 -0.07 3.90 -8.29
N GLY B 73 0.92 4.00 -9.19
CA GLY B 73 1.81 5.17 -9.26
C GLY B 73 1.21 6.41 -9.93
N VAL B 74 0.99 7.46 -9.16
CA VAL B 74 0.24 8.64 -9.65
C VAL B 74 1.23 9.76 -9.90
N GLY B 75 2.51 9.45 -9.74
CA GLY B 75 3.57 10.46 -9.80
C GLY B 75 3.92 11.01 -11.18
N GLU B 76 4.67 12.10 -11.16
CA GLU B 76 5.06 12.90 -12.30
C GLU B 76 6.28 12.27 -12.99
N GLU B 77 7.19 11.70 -12.21
CA GLU B 77 8.33 10.93 -12.76
C GLU B 77 8.77 9.79 -11.85
N TYR B 78 9.60 8.90 -12.37
CA TYR B 78 10.12 7.79 -11.58
C TYR B 78 11.54 7.52 -12.05
N SER B 79 12.41 7.35 -11.06
CA SER B 79 13.82 7.06 -11.29
C SER B 79 14.19 5.66 -10.75
N PRO B 80 15.32 5.08 -11.22
CA PRO B 80 15.80 3.77 -10.72
C PRO B 80 15.99 3.74 -9.21
N ALA B 81 15.51 2.69 -8.58
CA ALA B 81 15.69 2.53 -7.14
C ALA B 81 17.09 2.00 -6.86
N ASP B 82 17.67 2.44 -5.77
CA ASP B 82 18.91 1.81 -5.30
C ASP B 82 18.55 0.47 -4.69
N GLU B 83 19.12 -0.61 -5.20
CA GLU B 83 18.82 -1.96 -4.71
C GLU B 83 20.03 -2.48 -3.94
N GLY B 84 20.87 -1.54 -3.54
CA GLY B 84 22.03 -1.87 -2.73
C GLY B 84 23.36 -1.63 -3.43
N GLY B 85 23.35 -1.59 -4.75
CA GLY B 85 24.55 -1.40 -5.51
C GLY B 85 24.60 -0.02 -6.13
N GLY B 86 23.67 0.84 -5.74
CA GLY B 86 23.60 2.14 -6.35
C GLY B 86 22.65 2.17 -7.51
N GLN B 87 22.14 3.35 -7.81
CA GLN B 87 21.14 3.48 -8.85
C GLN B 87 21.72 3.12 -10.23
N ARG B 88 20.97 2.33 -10.99
CA ARG B 88 21.37 2.08 -12.37
C ARG B 88 21.42 3.44 -13.08
N ASP B 89 22.24 3.54 -14.12
CA ASP B 89 22.26 4.79 -14.83
C ASP B 89 21.21 4.87 -15.92
N LEU B 90 20.05 5.40 -15.55
CA LEU B 90 18.97 5.58 -16.50
C LEU B 90 18.29 6.90 -16.18
N PRO B 91 17.87 7.62 -17.23
CA PRO B 91 17.12 8.86 -16.97
C PRO B 91 15.81 8.48 -16.31
N PRO B 92 15.15 9.43 -15.63
CA PRO B 92 13.83 9.20 -15.05
C PRO B 92 12.81 8.98 -16.16
N ILE B 93 11.70 8.32 -15.88
CA ILE B 93 10.67 8.19 -16.92
C ILE B 93 9.38 8.89 -16.43
N LYS B 94 8.65 9.51 -17.34
CA LYS B 94 7.46 10.27 -16.98
C LYS B 94 6.32 9.39 -16.56
N GLY B 95 5.57 9.84 -15.57
CA GLY B 95 4.34 9.18 -15.16
C GLY B 95 3.21 9.80 -15.96
N ASP B 96 1.98 9.39 -15.69
CA ASP B 96 0.77 10.06 -16.21
C ASP B 96 -0.30 10.19 -15.11
N PRO B 97 -0.16 11.24 -14.26
CA PRO B 97 -1.15 11.52 -13.20
C PRO B 97 -2.58 11.60 -13.73
N GLU B 98 -2.79 12.23 -14.87
CA GLU B 98 -4.17 12.30 -15.40
C GLU B 98 -4.75 10.91 -15.71
N LEU B 99 -4.08 10.14 -16.56
CA LEU B 99 -4.51 8.75 -16.74
C LEU B 99 -4.63 8.03 -15.37
N ALA B 100 -3.63 8.17 -14.51
CA ALA B 100 -3.69 7.41 -13.26
C ALA B 100 -4.92 7.76 -12.43
N LYS B 101 -5.14 9.06 -12.24
CA LYS B 101 -6.39 9.56 -11.64
C LYS B 101 -7.68 8.90 -12.20
N HIS B 102 -7.84 8.95 -13.51
CA HIS B 102 -9.05 8.41 -14.12
C HIS B 102 -9.20 6.91 -13.84
N ILE B 103 -8.08 6.21 -13.98
CA ILE B 103 -8.04 4.79 -13.70
C ILE B 103 -8.46 4.56 -12.24
N ALA B 104 -7.82 5.24 -11.30
CA ALA B 104 -8.16 5.12 -9.88
C ALA B 104 -9.65 5.30 -9.66
N GLU B 105 -10.21 6.33 -10.30
CA GLU B 105 -11.64 6.63 -10.17
C GLU B 105 -12.51 5.50 -10.71
N CYS B 106 -12.10 4.92 -11.82
CA CYS B 106 -12.84 3.82 -12.43
C CYS B 106 -12.70 2.54 -11.64
N LEU B 107 -11.52 2.33 -11.07
CA LEU B 107 -11.28 1.12 -10.31
C LEU B 107 -11.94 1.17 -8.93
N VAL B 108 -11.92 2.34 -8.29
CA VAL B 108 -12.61 2.50 -7.01
C VAL B 108 -14.09 2.30 -7.20
N ALA B 109 -14.62 2.89 -8.26
CA ALA B 109 -16.02 2.69 -8.62
C ALA B 109 -16.36 1.22 -8.73
N ASP B 110 -15.37 0.41 -9.10
CA ASP B 110 -15.64 -1.00 -9.36
C ASP B 110 -15.32 -1.85 -8.14
N GLU B 111 -15.07 -1.17 -7.02
CA GLU B 111 -14.85 -1.82 -5.73
C GLU B 111 -13.55 -2.61 -5.70
N PHE B 112 -12.53 -2.01 -6.30
CA PHE B 112 -11.16 -2.41 -6.12
C PHE B 112 -10.52 -1.41 -5.19
N ASP B 113 -9.87 -1.92 -4.15
CA ASP B 113 -9.22 -1.08 -3.20
C ASP B 113 -7.78 -0.92 -3.61
N LEU B 114 -7.30 0.31 -3.64
CA LEU B 114 -6.01 0.62 -4.18
C LEU B 114 -5.06 1.25 -3.13
N ALA B 115 -3.86 1.59 -3.59
CA ALA B 115 -2.95 2.44 -2.87
C ALA B 115 -2.38 3.39 -3.90
N TYR B 116 -2.02 4.61 -3.50
CA TYR B 116 -1.40 5.58 -4.39
C TYR B 116 -0.01 5.90 -3.88
N TRP B 117 0.93 6.13 -4.79
CA TRP B 117 2.30 6.39 -4.39
C TRP B 117 3.07 7.27 -5.38
N GLN B 118 4.07 7.98 -4.90
CA GLN B 118 4.80 8.96 -5.68
C GLN B 118 6.21 8.95 -5.15
N GLY B 119 7.19 9.18 -6.01
CA GLY B 119 8.51 9.57 -5.57
C GLY B 119 9.47 8.43 -5.33
N MET B 120 8.95 7.23 -5.15
CA MET B 120 9.82 6.10 -4.81
C MET B 120 10.46 5.44 -6.03
N GLY B 121 11.64 4.88 -5.80
CA GLY B 121 12.38 4.23 -6.88
C GLY B 121 11.56 3.13 -7.51
N LEU B 122 11.87 2.85 -8.77
CA LEU B 122 11.43 1.63 -9.46
C LEU B 122 12.57 0.61 -9.43
N ASP B 123 12.32 -0.62 -9.00
CA ASP B 123 13.44 -1.56 -8.93
C ASP B 123 13.57 -2.40 -10.21
N HIS B 124 14.32 -3.49 -10.17
CA HIS B 124 14.43 -4.29 -11.37
C HIS B 124 13.09 -4.76 -11.95
N GLY B 125 12.04 -4.83 -11.14
CA GLY B 125 10.74 -5.28 -11.67
C GLY B 125 10.26 -4.43 -12.84
N ALA B 126 10.67 -3.16 -12.84
CA ALA B 126 10.24 -2.25 -13.90
C ALA B 126 11.36 -2.02 -14.90
N PHE B 127 12.53 -1.60 -14.40
CA PHE B 127 13.60 -1.10 -15.25
C PHE B 127 14.43 -2.19 -15.89
N SER B 128 14.37 -3.41 -15.37
CA SER B 128 15.15 -4.46 -15.97
C SER B 128 14.64 -4.67 -17.40
N PRO B 129 13.36 -4.97 -17.56
CA PRO B 129 12.90 -5.13 -18.95
C PRO B 129 12.67 -3.81 -19.70
N LEU B 130 12.19 -2.76 -19.04
CA LEU B 130 12.08 -1.52 -19.79
C LEU B 130 13.40 -1.09 -20.45
N SER B 131 14.53 -1.36 -19.80
CA SER B 131 15.81 -0.90 -20.35
C SER B 131 16.20 -1.65 -21.60
N VAL B 132 15.58 -2.80 -21.82
CA VAL B 132 15.88 -3.56 -23.02
C VAL B 132 14.80 -3.40 -24.11
N LEU B 133 13.63 -2.89 -23.75
CA LEU B 133 12.51 -2.78 -24.70
C LEU B 133 12.32 -1.36 -25.23
N LEU B 134 12.90 -0.40 -24.54
CA LEU B 134 12.77 0.98 -24.94
C LEU B 134 14.12 1.65 -25.01
N PRO B 135 14.36 2.42 -26.09
CA PRO B 135 15.54 3.29 -26.16
C PRO B 135 15.51 4.25 -24.97
N HIS B 136 16.61 4.35 -24.24
CA HIS B 136 16.66 5.24 -23.08
C HIS B 136 17.91 6.13 -23.06
N GLU B 137 18.79 5.99 -24.06
CA GLU B 137 20.08 6.69 -24.04
C GLU B 137 19.95 8.18 -23.80
N HIS B 138 18.72 8.68 -23.82
CA HIS B 138 18.46 10.10 -23.62
C HIS B 138 17.25 10.40 -22.68
N GLY B 139 16.06 9.95 -23.07
CA GLY B 139 14.88 9.90 -22.19
C GLY B 139 14.09 8.66 -22.62
N TRP B 140 12.85 8.51 -22.18
CA TRP B 140 12.01 7.38 -22.59
C TRP B 140 10.95 7.80 -23.61
N PRO B 141 10.61 6.91 -24.55
CA PRO B 141 9.73 7.24 -25.67
C PRO B 141 8.25 7.37 -25.29
N CYS B 142 7.89 6.97 -24.09
CA CYS B 142 6.48 7.05 -23.70
C CYS B 142 6.42 7.37 -22.24
N ARG B 143 5.24 7.67 -21.74
CA ARG B 143 5.07 7.79 -20.31
C ARG B 143 4.71 6.42 -19.76
N ILE B 144 4.69 6.30 -18.44
CA ILE B 144 4.32 5.06 -17.81
C ILE B 144 3.31 5.36 -16.68
N VAL B 145 2.41 4.40 -16.45
CA VAL B 145 1.63 4.37 -15.23
C VAL B 145 1.88 3.04 -14.53
N PRO B 146 2.80 3.04 -13.55
CA PRO B 146 3.20 1.82 -12.91
C PRO B 146 2.10 1.31 -12.01
N LEU B 147 1.84 0.01 -12.06
CA LEU B 147 1.01 -0.64 -11.08
C LEU B 147 1.85 -1.71 -10.38
N GLN B 148 2.28 -1.43 -9.15
CA GLN B 148 3.03 -2.38 -8.37
C GLN B 148 2.07 -3.34 -7.66
N CYS B 149 2.26 -4.65 -7.84
CA CYS B 149 1.40 -5.64 -7.26
C CYS B 149 2.14 -6.40 -6.16
N GLY B 150 1.51 -6.53 -4.99
CA GLY B 150 2.22 -7.15 -3.86
C GLY B 150 1.96 -8.63 -3.93
N VAL B 151 2.78 -9.33 -4.71
CA VAL B 151 2.60 -10.76 -4.89
C VAL B 151 3.50 -11.55 -3.94
N LEU B 152 4.28 -10.87 -3.09
CA LEU B 152 5.29 -11.57 -2.26
C LEU B 152 4.81 -11.96 -0.87
N GLN B 153 3.88 -11.20 -0.30
CA GLN B 153 3.54 -11.44 1.10
C GLN B 153 2.13 -12.02 1.18
N HIS B 154 2.02 -13.31 1.46
CA HIS B 154 0.71 -13.92 1.46
C HIS B 154 -0.02 -13.70 2.80
N PRO B 155 -1.35 -13.59 2.76
CA PRO B 155 -2.19 -13.74 1.57
C PRO B 155 -2.17 -12.62 0.55
N ILE B 156 -2.18 -13.00 -0.71
CA ILE B 156 -2.25 -12.08 -1.82
C ILE B 156 -3.55 -12.29 -2.53
N PRO B 157 -3.96 -11.32 -3.35
CA PRO B 157 -5.24 -11.44 -4.03
C PRO B 157 -5.31 -12.70 -4.90
N LYS B 158 -6.50 -13.22 -5.14
CA LYS B 158 -6.66 -14.45 -5.90
C LYS B 158 -6.43 -14.22 -7.38
N ALA B 159 -5.97 -15.26 -8.06
CA ALA B 159 -5.69 -15.14 -9.47
C ALA B 159 -6.88 -14.54 -10.19
N ARG B 160 -8.08 -14.87 -9.76
CA ARG B 160 -9.27 -14.37 -10.44
C ARG B 160 -9.45 -12.88 -10.14
N ARG B 161 -9.03 -12.47 -8.95
CA ARG B 161 -9.08 -11.08 -8.57
C ARG B 161 -8.17 -10.28 -9.51
N PHE B 162 -7.04 -10.86 -9.87
CA PHE B 162 -6.08 -10.18 -10.76
C PHE B 162 -6.73 -9.99 -12.10
N TRP B 163 -7.15 -11.10 -12.68
CA TRP B 163 -7.90 -11.05 -13.92
C TRP B 163 -9.00 -9.98 -13.90
N ASN B 164 -9.73 -9.87 -12.78
CA ASN B 164 -10.87 -8.94 -12.69
C ASN B 164 -10.41 -7.50 -12.66
N PHE B 165 -9.26 -7.29 -12.04
CA PHE B 165 -8.68 -5.99 -12.03
C PHE B 165 -8.37 -5.56 -13.45
N GLY B 166 -7.81 -6.48 -14.22
CA GLY B 166 -7.52 -6.20 -15.61
C GLY B 166 -8.76 -6.02 -16.46
N ARG B 167 -9.84 -6.72 -16.12
CA ARG B 167 -11.10 -6.52 -16.84
C ARG B 167 -11.65 -5.11 -16.58
N SER B 168 -11.48 -4.58 -15.36
CA SER B 168 -12.00 -3.25 -15.06
C SER B 168 -11.03 -2.24 -15.65
N LEU B 169 -9.74 -2.58 -15.61
CA LEU B 169 -8.69 -1.69 -16.11
C LEU B 169 -8.92 -1.35 -17.59
N ARG B 170 -9.20 -2.37 -18.40
CA ARG B 170 -9.47 -2.15 -19.83
C ARG B 170 -10.55 -1.07 -20.03
N ARG B 171 -11.68 -1.21 -19.35
CA ARG B 171 -12.78 -0.23 -19.49
C ARG B 171 -12.33 1.14 -18.95
N ALA B 172 -11.58 1.14 -17.85
CA ALA B 172 -11.03 2.39 -17.31
C ALA B 172 -10.23 3.17 -18.36
N ILE B 173 -9.33 2.49 -19.06
CA ILE B 173 -8.48 3.11 -20.08
C ILE B 173 -9.26 3.51 -21.32
N GLN B 174 -10.17 2.64 -21.74
CA GLN B 174 -10.93 2.90 -22.94
C GLN B 174 -11.77 4.16 -22.78
N SER B 175 -12.30 4.35 -21.57
CA SER B 175 -13.23 5.46 -21.27
C SER B 175 -12.45 6.74 -20.96
N TYR B 176 -11.13 6.62 -20.79
CA TYR B 176 -10.31 7.80 -20.62
C TYR B 176 -10.60 8.76 -21.77
N PRO B 177 -11.14 9.94 -21.46
CA PRO B 177 -11.62 10.78 -22.55
C PRO B 177 -10.53 11.58 -23.23
N ARG B 178 -9.41 10.95 -23.55
CA ARG B 178 -8.35 11.61 -24.32
C ARG B 178 -7.89 10.70 -25.47
N ASP B 179 -7.45 11.26 -26.58
CA ASP B 179 -7.15 10.42 -27.73
C ASP B 179 -5.69 9.93 -27.76
N ILE B 180 -5.39 8.90 -27.01
CA ILE B 180 -4.02 8.43 -26.93
C ILE B 180 -3.94 6.92 -27.07
N LYS B 181 -2.73 6.41 -27.31
CA LYS B 181 -2.53 4.99 -27.40
C LYS B 181 -1.87 4.44 -26.16
N VAL B 182 -2.43 3.34 -25.68
CA VAL B 182 -1.97 2.76 -24.46
C VAL B 182 -1.63 1.30 -24.74
N ALA B 183 -0.48 0.90 -24.24
CA ALA B 183 -0.06 -0.47 -24.26
C ALA B 183 -0.06 -0.95 -22.82
N ILE B 184 -0.23 -2.24 -22.62
CA ILE B 184 -0.22 -2.78 -21.29
C ILE B 184 0.87 -3.82 -21.17
N ALA B 185 1.51 -3.85 -20.01
CA ALA B 185 2.65 -4.70 -19.80
C ALA B 185 2.38 -5.50 -18.54
N GLY B 186 2.42 -6.82 -18.66
CA GLY B 186 2.43 -7.69 -17.49
C GLY B 186 3.85 -8.22 -17.36
N THR B 187 4.40 -8.27 -16.16
CA THR B 187 5.81 -8.65 -16.10
C THR B 187 6.11 -9.53 -14.93
N GLY B 188 7.20 -10.27 -14.99
CA GLY B 188 7.51 -11.29 -13.99
C GLY B 188 7.51 -12.70 -14.62
N GLY B 189 7.96 -13.71 -13.86
CA GLY B 189 7.89 -15.07 -14.37
C GLY B 189 8.97 -15.31 -15.43
N LEU B 190 8.90 -16.46 -16.12
CA LEU B 190 7.94 -17.56 -15.81
C LEU B 190 8.54 -18.40 -14.69
N SER B 191 8.66 -19.72 -14.87
CA SER B 191 9.04 -20.55 -13.72
C SER B 191 10.38 -20.09 -13.19
N HIS B 192 10.49 -20.09 -11.86
CA HIS B 192 11.71 -19.98 -11.12
C HIS B 192 11.39 -20.08 -9.67
N GLN B 193 12.36 -20.52 -8.89
CA GLN B 193 12.30 -20.33 -7.47
C GLN B 193 13.69 -19.84 -7.07
N VAL B 194 13.75 -18.79 -6.26
CA VAL B 194 15.05 -18.26 -5.91
C VAL B 194 15.35 -18.35 -4.42
N HIS B 195 14.62 -19.22 -3.73
CA HIS B 195 14.85 -19.40 -2.32
C HIS B 195 14.64 -20.85 -1.90
N GLY B 196 15.32 -21.21 -0.81
CA GLY B 196 15.19 -22.53 -0.26
C GLY B 196 15.99 -23.61 -0.95
N GLU B 197 15.98 -24.80 -0.35
CA GLU B 197 16.66 -25.93 -0.96
C GLU B 197 16.07 -26.27 -2.31
N ARG B 198 14.91 -25.70 -2.62
CA ARG B 198 14.27 -25.94 -3.91
C ARG B 198 14.68 -24.91 -4.95
N ALA B 199 15.52 -23.96 -4.56
CA ALA B 199 16.03 -22.93 -5.49
C ALA B 199 16.61 -23.58 -6.74
N GLY B 200 16.20 -23.09 -7.92
CA GLY B 200 16.70 -23.64 -9.16
C GLY B 200 15.61 -24.38 -9.91
N PHE B 201 14.44 -24.49 -9.32
CA PHE B 201 13.40 -25.23 -9.99
C PHE B 201 12.88 -24.51 -11.24
N ASN B 202 12.77 -25.23 -12.36
CA ASN B 202 12.09 -24.74 -13.54
C ASN B 202 11.13 -25.80 -14.12
N ASN B 203 10.26 -25.39 -15.04
CA ASN B 203 9.32 -26.29 -15.63
C ASN B 203 8.84 -25.69 -16.96
N THR B 204 9.67 -25.89 -17.97
CA THR B 204 9.38 -25.42 -19.30
C THR B 204 8.01 -25.93 -19.78
N GLU B 205 7.73 -27.22 -19.57
CA GLU B 205 6.44 -27.74 -19.96
C GLU B 205 5.37 -26.84 -19.38
N TRP B 206 5.43 -26.52 -18.09
CA TRP B 206 4.37 -25.66 -17.56
C TRP B 206 4.42 -24.23 -18.20
N ASP B 207 5.60 -23.65 -18.33
CA ASP B 207 5.74 -22.32 -18.91
C ASP B 207 5.08 -22.29 -20.28
N MET B 208 5.42 -23.25 -21.13
CA MET B 208 4.84 -23.30 -22.45
C MET B 208 3.33 -23.43 -22.40
N GLU B 209 2.83 -24.21 -21.45
CA GLU B 209 1.37 -24.39 -21.34
C GLU B 209 0.70 -23.11 -20.83
N PHE B 210 1.27 -22.54 -19.79
CA PHE B 210 0.80 -21.26 -19.27
C PHE B 210 0.70 -20.16 -20.33
N MET B 211 1.70 -20.00 -21.19
CA MET B 211 1.66 -18.98 -22.23
C MET B 211 0.53 -19.28 -23.23
N GLU B 212 0.50 -20.49 -23.73
CA GLU B 212 -0.55 -20.85 -24.66
C GLU B 212 -1.97 -20.56 -24.10
N ARG B 213 -2.23 -20.97 -22.86
CA ARG B 213 -3.54 -20.71 -22.24
C ARG B 213 -3.80 -19.21 -22.01
N LEU B 214 -2.78 -18.48 -21.53
CA LEU B 214 -2.91 -17.06 -21.37
C LEU B 214 -3.31 -16.37 -22.67
N ALA B 215 -2.79 -16.85 -23.79
CA ALA B 215 -3.09 -16.29 -25.11
C ALA B 215 -4.50 -16.63 -25.58
N ASN B 216 -4.84 -17.91 -25.53
CA ASN B 216 -6.03 -18.45 -26.17
C ASN B 216 -7.22 -18.85 -25.28
N ASP B 217 -6.96 -19.09 -23.99
CA ASP B 217 -7.98 -19.56 -23.06
C ASP B 217 -7.62 -19.10 -21.62
N PRO B 218 -7.49 -17.79 -21.39
CA PRO B 218 -6.98 -17.41 -20.07
C PRO B 218 -7.97 -17.64 -18.90
N GLU B 219 -9.28 -17.64 -19.20
CA GLU B 219 -10.29 -17.89 -18.18
C GLU B 219 -10.12 -19.28 -17.60
N SER B 220 -9.39 -20.14 -18.33
CA SER B 220 -9.07 -21.50 -17.84
C SER B 220 -8.13 -21.49 -16.62
N LEU B 221 -7.41 -20.39 -16.43
CA LEU B 221 -6.42 -20.27 -15.36
C LEU B 221 -7.00 -19.68 -14.08
N LEU B 222 -8.22 -19.14 -14.17
CA LEU B 222 -8.72 -18.32 -13.09
C LEU B 222 -9.04 -19.14 -11.83
N GLY B 223 -8.78 -20.44 -11.90
CA GLY B 223 -9.04 -21.31 -10.76
C GLY B 223 -7.79 -21.80 -10.04
N ALA B 224 -6.62 -21.49 -10.58
CA ALA B 224 -5.38 -21.97 -10.00
C ALA B 224 -5.12 -21.29 -8.67
N THR B 225 -4.75 -22.09 -7.68
CA THR B 225 -4.40 -21.56 -6.39
C THR B 225 -2.95 -21.15 -6.37
N VAL B 226 -2.54 -20.46 -5.31
CA VAL B 226 -1.12 -20.17 -5.17
C VAL B 226 -0.30 -21.48 -5.13
N THR B 227 -0.90 -22.52 -4.56
CA THR B 227 -0.23 -23.79 -4.44
C THR B 227 -0.05 -24.46 -5.80
N ASP B 228 -1.07 -24.39 -6.66
CA ASP B 228 -0.94 -24.90 -8.01
C ASP B 228 0.17 -24.16 -8.77
N LEU B 229 0.15 -22.84 -8.71
CA LEU B 229 1.11 -22.07 -9.46
C LEU B 229 2.50 -22.38 -8.94
N ALA B 230 2.65 -22.46 -7.62
CA ALA B 230 3.98 -22.57 -7.02
C ALA B 230 4.60 -23.95 -7.25
N LYS B 231 3.73 -24.96 -7.33
CA LYS B 231 4.15 -26.36 -7.52
C LYS B 231 4.68 -26.51 -8.94
N LYS B 232 3.96 -25.87 -9.87
CA LYS B 232 4.26 -25.98 -11.28
C LYS B 232 5.35 -25.03 -11.74
N GLY B 233 5.33 -23.80 -11.23
CA GLY B 233 6.23 -22.80 -11.74
C GLY B 233 7.27 -22.27 -10.76
N GLY B 234 7.45 -22.96 -9.65
CA GLY B 234 8.30 -22.48 -8.58
C GLY B 234 7.60 -21.44 -7.72
N TRP B 235 8.11 -21.23 -6.51
CA TRP B 235 7.49 -20.31 -5.61
C TRP B 235 7.42 -18.90 -6.22
N GLU B 236 8.54 -18.36 -6.65
CA GLU B 236 8.49 -17.01 -7.16
C GLU B 236 7.78 -16.94 -8.52
N GLY B 237 7.68 -18.10 -9.20
CA GLY B 237 6.99 -18.18 -10.49
C GLY B 237 5.52 -17.87 -10.38
N ALA B 238 4.99 -18.03 -9.16
CA ALA B 238 3.58 -17.72 -8.98
C ALA B 238 3.29 -16.23 -9.30
N GLU B 239 4.31 -15.37 -9.39
CA GLU B 239 4.02 -13.97 -9.71
C GLU B 239 3.32 -13.85 -11.07
N VAL B 240 3.19 -14.95 -11.79
CA VAL B 240 2.62 -14.81 -13.12
C VAL B 240 1.15 -14.36 -13.06
N VAL B 241 0.57 -14.25 -11.88
CA VAL B 241 -0.78 -13.68 -11.80
C VAL B 241 -0.79 -12.26 -12.41
N MET B 242 0.39 -11.67 -12.57
CA MET B 242 0.42 -10.33 -13.13
C MET B 242 0.23 -10.34 -14.66
N TRP B 243 0.63 -11.42 -15.29
CA TRP B 243 0.40 -11.60 -16.70
C TRP B 243 -1.12 -11.76 -16.87
N LEU B 244 -1.76 -12.36 -15.87
CA LEU B 244 -3.20 -12.57 -15.94
C LEU B 244 -3.88 -11.25 -15.91
N LEU B 245 -3.36 -10.38 -15.04
CA LEU B 245 -3.91 -9.05 -14.94
C LEU B 245 -3.81 -8.41 -16.31
N MET B 246 -2.60 -8.38 -16.88
CA MET B 246 -2.41 -7.71 -18.16
C MET B 246 -3.41 -8.31 -19.18
N ARG B 247 -3.46 -9.63 -19.28
CA ARG B 247 -4.23 -10.31 -20.31
C ARG B 247 -5.69 -9.93 -20.16
N GLY B 248 -6.15 -9.83 -18.93
CA GLY B 248 -7.52 -9.38 -18.67
C GLY B 248 -7.85 -8.03 -19.26
N ALA B 249 -6.86 -7.16 -19.41
CA ALA B 249 -7.13 -5.82 -19.92
C ALA B 249 -7.27 -5.81 -21.44
N LEU B 250 -6.82 -6.88 -22.08
CA LEU B 250 -6.80 -6.93 -23.53
C LEU B 250 -8.15 -7.45 -24.03
N SER B 251 -8.33 -7.59 -25.34
CA SER B 251 -9.59 -8.15 -25.85
C SER B 251 -9.71 -9.65 -25.48
N PRO B 252 -10.94 -10.16 -25.48
CA PRO B 252 -11.23 -11.56 -25.15
C PRO B 252 -10.34 -12.47 -25.95
N GLU B 253 -10.33 -12.25 -27.26
CA GLU B 253 -9.43 -12.91 -28.18
C GLU B 253 -8.35 -11.91 -28.64
N VAL B 254 -7.10 -12.37 -28.66
CA VAL B 254 -6.01 -11.60 -29.18
C VAL B 254 -5.22 -12.29 -30.31
N LYS B 255 -4.46 -11.49 -31.06
CA LYS B 255 -3.43 -12.04 -31.92
C LYS B 255 -2.11 -12.13 -31.15
N THR B 256 -1.57 -13.32 -31.02
CA THR B 256 -0.22 -13.43 -30.50
C THR B 256 0.82 -13.17 -31.61
N LEU B 257 1.42 -11.99 -31.61
CA LEU B 257 2.40 -11.68 -32.64
C LEU B 257 3.74 -12.36 -32.35
N HIS B 258 4.04 -12.58 -31.06
CA HIS B 258 5.36 -13.08 -30.65
C HIS B 258 5.38 -13.89 -29.38
N GLN B 259 6.28 -14.86 -29.35
CA GLN B 259 6.61 -15.58 -28.16
C GLN B 259 8.05 -16.02 -28.22
N SER B 260 8.78 -15.84 -27.14
CA SER B 260 10.11 -16.41 -27.04
C SER B 260 10.41 -16.86 -25.61
N TYR B 261 11.42 -17.72 -25.44
CA TYR B 261 11.65 -18.41 -24.19
C TYR B 261 13.10 -18.79 -24.16
N PHE B 262 13.79 -18.42 -23.08
CA PHE B 262 15.16 -18.85 -22.89
C PHE B 262 15.36 -19.12 -21.41
N LEU B 263 15.92 -20.28 -21.10
CA LEU B 263 16.20 -20.62 -19.74
C LEU B 263 17.70 -20.81 -19.53
N PRO B 264 18.45 -19.70 -19.45
CA PRO B 264 19.90 -19.74 -19.23
C PRO B 264 20.37 -20.10 -17.81
N SER B 265 19.70 -19.61 -16.76
CA SER B 265 20.01 -20.13 -15.43
C SER B 265 18.83 -20.34 -14.50
N MET B 266 18.44 -19.31 -13.75
CA MET B 266 17.36 -19.47 -12.76
C MET B 266 15.94 -19.27 -13.29
N THR B 267 15.82 -18.34 -14.23
CA THR B 267 14.55 -17.82 -14.62
C THR B 267 14.23 -18.14 -16.05
N ALA B 268 13.01 -18.55 -16.31
CA ALA B 268 12.63 -18.72 -17.70
C ALA B 268 12.30 -17.34 -18.22
N ILE B 269 13.17 -16.83 -19.08
CA ILE B 269 13.03 -15.47 -19.58
C ILE B 269 12.12 -15.47 -20.79
N ALA B 270 10.88 -15.07 -20.61
CA ALA B 270 9.90 -15.26 -21.69
C ALA B 270 9.32 -13.93 -22.08
N THR B 271 8.89 -13.77 -23.32
CA THR B 271 8.17 -12.58 -23.72
C THR B 271 7.04 -12.99 -24.66
N MET B 272 5.94 -12.23 -24.61
CA MET B 272 4.80 -12.45 -25.51
C MET B 272 4.37 -11.05 -25.91
N LEU B 273 3.84 -10.92 -27.11
CA LEU B 273 3.31 -9.68 -27.59
C LEU B 273 1.91 -10.02 -28.15
N PHE B 274 0.91 -9.35 -27.64
CA PHE B 274 -0.47 -9.57 -28.00
C PHE B 274 -0.99 -8.32 -28.63
N GLU B 275 -1.66 -8.49 -29.75
CA GLU B 275 -2.28 -7.38 -30.39
C GLU B 275 -3.76 -7.41 -30.06
N ASP B 276 -4.27 -6.30 -29.55
CA ASP B 276 -5.67 -6.23 -29.21
C ASP B 276 -6.47 -6.40 -30.50
N GLN B 277 -7.60 -7.08 -30.41
CA GLN B 277 -8.52 -7.25 -31.55
C GLN B 277 -9.71 -6.31 -31.46
N GLY B 278 -9.79 -5.59 -30.35
CA GLY B 278 -10.87 -4.65 -30.12
C GLY B 278 -12.00 -5.42 -29.50
N ASP B 279 -12.96 -4.69 -28.97
CA ASP B 279 -14.08 -5.32 -28.30
C ASP B 279 -14.95 -6.12 -29.28
N ALA B 280 -14.92 -7.45 -29.11
CA ALA B 280 -15.75 -8.36 -29.91
C ALA B 280 -17.18 -7.84 -30.00
N ALA B 281 -17.76 -7.56 -28.83
CA ALA B 281 -19.11 -7.04 -28.75
C ALA B 281 -19.04 -5.52 -28.69
N PRO B 282 -20.21 -4.88 -28.57
CA PRO B 282 -20.24 -3.58 -27.92
C PRO B 282 -20.16 -3.85 -26.41
N PRO B 283 -19.60 -2.92 -25.64
CA PRO B 283 -19.39 -3.17 -24.21
C PRO B 283 -20.67 -3.02 -23.37
N ALA B 284 -20.69 -3.73 -22.24
CA ALA B 284 -21.83 -3.77 -21.33
C ALA B 284 -22.27 -2.37 -20.94
N GLU B 285 -21.35 -1.62 -20.33
CA GLU B 285 -21.62 -0.27 -19.89
C GLU B 285 -20.85 0.68 -20.80
N SER B 286 -21.49 1.77 -21.16
CA SER B 286 -20.97 2.69 -22.16
C SER B 286 -19.87 3.55 -21.59
N ASP B 287 -19.04 4.11 -22.47
CA ASP B 287 -17.92 4.94 -22.03
C ASP B 287 -18.46 6.17 -21.35
N GLU B 288 -19.76 6.38 -21.48
CA GLU B 288 -20.40 7.54 -20.91
C GLU B 288 -20.94 7.23 -19.52
N ALA B 289 -21.69 6.13 -19.41
CA ALA B 289 -22.20 5.68 -18.12
C ALA B 289 -21.07 5.36 -17.15
N LEU B 290 -19.95 4.89 -17.68
CA LEU B 290 -18.81 4.57 -16.84
C LEU B 290 -18.17 5.85 -16.33
N ARG B 291 -17.89 6.78 -17.24
CA ARG B 291 -17.20 8.00 -16.86
C ARG B 291 -17.97 8.74 -15.77
N ALA B 292 -19.30 8.68 -15.84
CA ALA B 292 -20.18 9.32 -14.87
C ALA B 292 -20.25 8.53 -13.57
N ARG B 293 -20.32 7.21 -13.69
CA ARG B 293 -20.28 6.33 -12.53
C ARG B 293 -19.02 6.61 -11.69
N ALA B 294 -17.87 6.76 -12.36
CA ALA B 294 -16.63 7.11 -11.67
C ALA B 294 -16.65 8.54 -11.12
N LYS B 295 -17.21 9.47 -11.88
CA LYS B 295 -17.26 10.87 -11.49
C LYS B 295 -18.15 11.09 -10.27
N ARG B 296 -18.97 10.09 -9.95
CA ARG B 296 -20.12 10.25 -9.06
C ARG B 296 -19.80 10.77 -7.65
N GLU B 297 -18.99 10.01 -6.92
CA GLU B 297 -18.67 10.32 -5.54
C GLU B 297 -18.21 11.75 -5.27
N LEU B 298 -17.72 12.45 -6.28
CA LEU B 298 -17.32 13.85 -6.09
C LEU B 298 -18.15 14.82 -6.94
N ALA B 299 -19.21 14.28 -7.55
CA ALA B 299 -20.20 15.08 -8.24
C ALA B 299 -20.68 16.24 -7.35
N GLY B 300 -20.58 17.46 -7.85
CA GLY B 300 -21.11 18.64 -7.13
C GLY B 300 -20.20 19.26 -6.08
N VAL B 301 -19.15 18.53 -5.71
CA VAL B 301 -18.24 18.93 -4.63
C VAL B 301 -17.68 20.36 -4.78
N GLU B 302 -17.62 20.84 -6.01
CA GLU B 302 -17.12 22.19 -6.28
C GLU B 302 -18.10 23.28 -5.81
N GLU B 303 -19.37 22.91 -5.67
CA GLU B 303 -20.37 23.81 -5.12
C GLU B 303 -19.96 24.23 -3.71
N ILE B 304 -19.29 23.32 -3.01
CA ILE B 304 -18.73 23.61 -1.71
C ILE B 304 -17.61 24.63 -1.86
N GLU B 305 -17.71 25.74 -1.13
CA GLU B 305 -16.71 26.80 -1.25
C GLU B 305 -15.72 26.78 -0.08
N GLY B 306 -14.67 27.60 -0.18
CA GLY B 306 -13.63 27.63 0.83
C GLY B 306 -13.04 26.25 1.05
N THR B 307 -13.02 25.44 0.00
CA THR B 307 -12.77 24.00 0.15
C THR B 307 -11.95 23.41 -1.00
N TYR B 308 -10.82 22.79 -0.66
CA TYR B 308 -9.82 22.38 -1.67
C TYR B 308 -9.53 20.87 -1.65
N PRO B 309 -10.50 20.07 -2.14
CA PRO B 309 -10.44 18.61 -1.96
C PRO B 309 -9.09 18.05 -2.36
N PHE B 310 -8.68 16.99 -1.66
CA PHE B 310 -7.38 16.42 -1.89
C PHE B 310 -7.52 15.20 -2.76
N THR B 311 -7.42 15.45 -4.06
CA THR B 311 -7.49 14.44 -5.07
C THR B 311 -6.08 14.24 -5.61
N ILE B 312 -5.90 13.13 -6.33
CA ILE B 312 -4.61 12.77 -6.91
C ILE B 312 -3.91 13.96 -7.57
N ASP B 313 -4.64 14.68 -8.42
CA ASP B 313 -4.10 15.89 -9.06
C ASP B 313 -3.58 16.86 -7.99
N ARG B 314 -4.32 17.03 -6.93
CA ARG B 314 -3.87 17.95 -5.90
C ARG B 314 -2.63 17.42 -5.21
N ALA B 315 -2.68 16.12 -4.87
CA ALA B 315 -1.59 15.44 -4.20
C ALA B 315 -0.34 15.49 -5.04
N VAL B 316 -0.52 15.34 -6.36
CA VAL B 316 0.63 15.38 -7.24
C VAL B 316 1.21 16.79 -7.36
N LYS B 317 0.34 17.79 -7.36
CA LYS B 317 0.75 19.17 -7.46
C LYS B 317 1.49 19.65 -6.19
N GLY B 318 1.08 19.18 -5.02
CA GLY B 318 1.74 19.59 -3.78
C GLY B 318 2.78 18.63 -3.23
N PHE B 319 3.15 17.63 -4.03
CA PHE B 319 4.03 16.60 -3.53
C PHE B 319 5.39 17.12 -3.05
N ARG B 320 6.05 17.96 -3.84
CA ARG B 320 7.38 18.41 -3.47
C ARG B 320 7.41 19.03 -2.11
N ILE B 321 6.45 19.93 -1.88
CA ILE B 321 6.34 20.68 -0.62
C ILE B 321 5.65 19.93 0.53
N ASN B 322 4.68 19.09 0.21
CA ASN B 322 4.19 18.12 1.22
C ASN B 322 5.27 17.14 1.71
N HIS B 323 6.02 16.55 0.77
CA HIS B 323 7.16 15.67 1.12
C HIS B 323 8.13 16.41 2.04
N PHE B 324 8.44 17.65 1.68
CA PHE B 324 9.34 18.47 2.45
C PHE B 324 8.80 18.71 3.86
N LEU B 325 7.57 19.22 3.95
CA LEU B 325 6.95 19.54 5.25
C LEU B 325 6.76 18.31 6.14
N HIS B 326 6.54 17.16 5.47
CA HIS B 326 6.36 15.88 6.13
C HIS B 326 7.62 15.44 6.83
N ARG B 327 8.77 15.89 6.35
CA ARG B 327 10.02 15.46 6.94
C ARG B 327 10.20 16.11 8.29
N LEU B 328 9.28 16.99 8.67
CA LEU B 328 9.42 17.71 9.93
C LEU B 328 9.25 16.80 11.13
N ILE B 329 8.91 15.54 10.87
CA ILE B 329 8.87 14.52 11.91
C ILE B 329 10.28 13.98 12.21
N GLU B 330 11.24 14.21 11.30
CA GLU B 330 12.65 13.85 11.51
C GLU B 330 13.27 14.95 12.36
N PRO B 331 13.81 14.58 13.54
CA PRO B 331 14.34 15.52 14.54
C PRO B 331 15.36 16.52 14.02
N ASP B 332 16.36 16.06 13.26
CA ASP B 332 17.43 16.97 12.83
C ASP B 332 16.90 17.87 11.75
N PHE B 333 15.81 17.44 11.13
CA PHE B 333 15.20 18.16 10.02
C PHE B 333 14.44 19.37 10.53
N ARG B 334 13.48 19.15 11.42
CA ARG B 334 12.75 20.28 12.00
C ARG B 334 13.69 21.19 12.80
N LYS B 335 14.75 20.61 13.37
CA LYS B 335 15.78 21.38 14.06
C LYS B 335 16.54 22.25 13.08
N ARG B 336 16.79 21.71 11.89
CA ARG B 336 17.40 22.51 10.83
C ARG B 336 16.37 23.54 10.32
N PHE B 337 15.09 23.15 10.31
CA PHE B 337 13.99 24.01 9.87
C PHE B 337 13.92 25.29 10.69
N VAL B 338 14.31 25.18 11.96
CA VAL B 338 14.30 26.31 12.90
C VAL B 338 15.58 27.13 12.83
N GLU B 339 16.71 26.48 13.16
CA GLU B 339 18.00 27.19 13.28
C GLU B 339 18.56 27.67 11.95
N ASP B 340 18.32 26.91 10.88
CA ASP B 340 18.87 27.19 9.56
C ASP B 340 17.89 26.78 8.47
N PRO B 341 16.77 27.52 8.36
CA PRO B 341 15.73 27.25 7.36
C PRO B 341 16.24 27.41 5.92
N GLU B 342 17.19 28.32 5.72
CA GLU B 342 17.67 28.71 4.39
C GLU B 342 18.50 27.60 3.74
N GLY B 343 19.53 27.12 4.44
CA GLY B 343 20.37 26.02 3.93
C GLY B 343 19.57 24.77 3.67
N LEU B 344 18.49 24.60 4.41
CA LEU B 344 17.57 23.51 4.17
C LEU B 344 16.77 23.78 2.90
N PHE B 345 16.23 24.98 2.72
CA PHE B 345 15.53 25.35 1.48
C PHE B 345 16.43 25.11 0.27
N ALA B 346 17.67 25.59 0.38
CA ALA B 346 18.70 25.41 -0.64
C ALA B 346 19.11 23.95 -0.78
N GLU B 347 18.65 23.11 0.15
CA GLU B 347 18.91 21.67 0.11
C GLU B 347 17.83 20.97 -0.70
N SER B 348 16.72 21.66 -0.88
CA SER B 348 15.51 21.02 -1.40
C SER B 348 15.40 21.07 -2.91
N ASP B 349 14.43 20.32 -3.44
CA ASP B 349 14.03 20.54 -4.83
C ASP B 349 12.80 21.47 -4.94
N LEU B 350 12.46 22.15 -3.84
CA LEU B 350 11.34 23.09 -3.83
C LEU B 350 11.59 24.29 -4.75
N THR B 351 10.54 24.79 -5.39
CA THR B 351 10.69 26.00 -6.22
C THR B 351 10.74 27.25 -5.35
N GLU B 352 11.20 28.34 -5.94
CA GLU B 352 11.22 29.63 -5.27
C GLU B 352 9.85 30.01 -4.70
N GLU B 353 8.80 29.71 -5.46
CA GLU B 353 7.42 29.93 -4.99
C GLU B 353 7.11 29.14 -3.72
N GLU B 354 7.38 27.84 -3.74
CA GLU B 354 7.17 27.00 -2.57
C GLU B 354 7.99 27.50 -1.37
N LYS B 355 9.27 27.77 -1.59
CA LYS B 355 10.13 28.36 -0.56
C LYS B 355 9.57 29.67 -0.04
N SER B 356 9.05 30.50 -0.95
CA SER B 356 8.49 31.77 -0.54
C SER B 356 7.30 31.57 0.38
N LEU B 357 6.45 30.60 0.01
CA LEU B 357 5.25 30.28 0.76
C LEU B 357 5.58 29.82 2.18
N ILE B 358 6.65 29.06 2.33
CA ILE B 358 7.10 28.63 3.66
C ILE B 358 7.69 29.80 4.45
N ARG B 359 8.67 30.49 3.87
CA ARG B 359 9.22 31.67 4.54
C ARG B 359 8.12 32.63 5.01
N ASN B 360 7.23 32.98 4.10
CA ASN B 360 6.14 33.90 4.43
C ASN B 360 5.17 33.29 5.44
N ARG B 361 5.40 32.03 5.82
CA ARG B 361 4.45 31.34 6.69
C ARG B 361 3.05 31.58 6.10
N ASP B 362 2.92 31.49 4.78
CA ASP B 362 1.65 31.85 4.17
C ASP B 362 0.67 30.68 4.17
N TRP B 363 -0.24 30.70 5.14
CA TRP B 363 -1.11 29.58 5.43
C TRP B 363 -2.22 29.28 4.41
N ILE B 364 -2.99 30.28 3.99
CA ILE B 364 -4.10 29.99 3.10
C ILE B 364 -3.63 29.77 1.66
N GLY B 365 -2.47 30.35 1.34
CA GLY B 365 -1.88 30.21 0.01
C GLY B 365 -1.22 28.85 -0.12
N MET B 366 -0.80 28.29 1.00
CA MET B 366 -0.29 26.93 1.00
C MET B 366 -1.43 25.96 0.73
N ILE B 367 -2.56 26.16 1.39
CA ILE B 367 -3.72 25.32 1.10
C ILE B 367 -4.10 25.49 -0.35
N HIS B 368 -4.21 26.74 -0.78
CA HIS B 368 -4.48 27.05 -2.17
C HIS B 368 -3.53 26.22 -3.06
N TYR B 369 -2.24 26.33 -2.83
CA TYR B 369 -1.23 25.75 -3.74
C TYR B 369 -1.24 24.22 -3.74
N GLY B 370 -1.85 23.63 -2.71
CA GLY B 370 -2.06 22.19 -2.66
C GLY B 370 -1.39 21.47 -1.51
N VAL B 371 -0.80 22.23 -0.59
CA VAL B 371 -0.30 21.66 0.65
C VAL B 371 -1.51 21.12 1.43
N ILE B 372 -1.42 19.89 1.93
CA ILE B 372 -2.47 19.41 2.79
C ILE B 372 -2.29 19.97 4.20
N PHE B 373 -3.40 20.31 4.85
CA PHE B 373 -3.35 20.88 6.20
C PHE B 373 -2.37 20.17 7.14
N PHE B 374 -2.47 18.85 7.28
CA PHE B 374 -1.67 18.14 8.29
C PHE B 374 -0.17 18.41 8.24
N MET B 375 0.35 18.73 7.06
CA MET B 375 1.73 19.20 6.93
C MET B 375 1.93 20.62 7.47
N LEU B 376 0.91 21.47 7.35
CA LEU B 376 0.89 22.77 8.05
C LEU B 376 0.76 22.57 9.55
N GLU B 377 -0.04 21.59 9.96
CA GLU B 377 -0.18 21.21 11.35
C GLU B 377 1.19 20.84 11.94
N LYS B 378 2.05 20.27 11.12
CA LYS B 378 3.37 19.89 11.59
C LYS B 378 4.28 21.13 11.67
N MET B 379 4.33 21.90 10.58
CA MET B 379 5.07 23.15 10.53
C MET B 379 4.69 24.09 11.68
N ALA B 380 3.39 24.22 11.93
CA ALA B 380 2.88 25.10 12.97
C ALA B 380 3.27 24.56 14.34
N ALA B 381 2.98 23.28 14.56
CA ALA B 381 3.39 22.65 15.79
C ALA B 381 4.87 22.98 16.03
N VAL B 382 5.69 22.78 15.00
CA VAL B 382 7.14 22.95 15.13
C VAL B 382 7.59 24.40 15.41
N LEU B 383 6.92 25.38 14.80
CA LEU B 383 7.34 26.78 14.96
C LEU B 383 6.79 27.42 16.25
N GLY B 384 6.01 26.64 16.99
CA GLY B 384 5.41 27.12 18.23
C GLY B 384 4.09 27.84 18.01
N ILE B 385 3.61 27.83 16.77
CA ILE B 385 2.33 28.43 16.46
C ILE B 385 1.22 27.51 16.93
N GLY B 386 0.17 28.09 17.50
CA GLY B 386 -1.03 27.32 17.83
C GLY B 386 -1.94 27.12 16.63
N ASN B 387 -2.52 25.93 16.53
CA ASN B 387 -3.48 25.62 15.47
C ASN B 387 -4.49 26.75 15.23
N ILE B 388 -5.06 27.29 16.29
CA ILE B 388 -6.06 28.36 16.15
C ILE B 388 -5.58 29.47 15.22
N ASP B 389 -4.31 29.87 15.35
CA ASP B 389 -3.77 30.94 14.53
C ASP B 389 -3.85 30.56 13.04
N VAL B 390 -3.58 29.30 12.76
CA VAL B 390 -3.66 28.79 11.40
C VAL B 390 -5.08 28.87 10.85
N TYR B 391 -6.08 28.58 11.69
CA TYR B 391 -7.47 28.70 11.25
C TYR B 391 -7.89 30.16 11.19
N ALA B 392 -7.18 31.00 11.92
CA ALA B 392 -7.44 32.42 11.90
C ALA B 392 -6.97 32.97 10.56
N ALA B 393 -5.73 32.65 10.21
CA ALA B 393 -5.16 33.07 8.94
C ALA B 393 -5.91 32.48 7.74
N PHE B 394 -6.47 31.28 7.89
CA PHE B 394 -7.24 30.68 6.79
C PHE B 394 -8.47 31.52 6.51
N ARG B 395 -9.20 31.81 7.57
CA ARG B 395 -10.46 32.52 7.49
C ARG B 395 -10.27 33.99 7.19
N GLY B 396 -9.01 34.43 7.16
CA GLY B 396 -8.70 35.85 6.98
C GLY B 396 -9.01 36.67 8.21
N LEU B 397 -8.95 36.05 9.38
CA LEU B 397 -9.30 36.73 10.61
C LEU B 397 -8.17 36.75 11.64
N SER B 398 -8.28 37.70 12.56
CA SER B 398 -7.42 37.74 13.73
C SER B 398 -7.85 36.60 14.63
N VAL B 399 -6.91 36.05 15.38
CA VAL B 399 -7.24 34.96 16.27
C VAL B 399 -8.46 35.29 17.13
N PRO B 400 -8.46 36.46 17.80
CA PRO B 400 -9.62 36.83 18.61
C PRO B 400 -10.83 37.05 17.71
N GLU B 401 -10.63 37.76 16.61
CA GLU B 401 -11.68 37.90 15.60
C GLU B 401 -12.31 36.53 15.32
N PHE B 402 -11.47 35.58 14.89
CA PHE B 402 -11.91 34.23 14.53
C PHE B 402 -12.57 33.53 15.70
N GLN B 403 -12.08 33.78 16.91
CA GLN B 403 -12.56 33.08 18.10
C GLN B 403 -14.05 33.34 18.42
N LYS B 404 -14.68 34.24 17.66
CA LYS B 404 -16.13 34.31 17.69
C LYS B 404 -16.68 32.93 17.31
N THR B 405 -17.42 32.32 18.24
CA THR B 405 -18.02 30.99 18.00
C THR B 405 -19.33 30.83 18.78
FE FE2 C . -8.89 11.44 11.01
FE FE2 D . 9.10 -10.24 -9.51
C1 DHB E . 16.30 -13.67 -10.13
C2 DHB E . 16.54 -12.82 -9.07
C3 DHB E . 15.52 -11.98 -8.62
O3 DHB E . 15.75 -11.14 -7.58
C4 DHB E . 14.28 -12.02 -9.23
O4 DHB E . 13.28 -11.17 -8.84
C5 DHB E . 14.05 -12.86 -10.31
C6 DHB E . 15.06 -13.68 -10.75
C DHB E . 17.39 -14.59 -10.65
O1 DHB E . 18.42 -14.71 -9.94
O2 DHB E . 17.30 -14.95 -11.85
#